data_5VK0
#
_entry.id   5VK0
#
_cell.length_a   90.838
_cell.length_b   157.470
_cell.length_c   196.650
_cell.angle_alpha   90.00
_cell.angle_beta   90.00
_cell.angle_gamma   90.00
#
_symmetry.space_group_name_H-M   'C 2 2 21'
#
loop_
_entity.id
_entity.type
_entity.pdbx_description
1 polymer 'E3 ubiquitin-protein ligase Mdm2'
2 polymer 'Lysine-cysteine side chain dithiocarbamate stapled peptide inhibitor PMI'
3 non-polymer 'CHLORIDE ION'
4 water water
#
loop_
_entity_poly.entity_id
_entity_poly.type
_entity_poly.pdbx_seq_one_letter_code
_entity_poly.pdbx_strand_id
1 'polypeptide(L)'
;ETLVRPKPLLLKLLKSVGAQKDTYTMKEVLFYLGQYIMTKRLYDEKQQHIVYCSNDLLGDLFGVPSFSVKEHRKIYTMIY
RNLVV
;
A,C,E,G,I,K,M,O,Q,S,U,W
2 'polypeptide(L)' (ACE)TSFAEYW(9E7)LLSC(NH2) B,D,F,H,J,L,N,P,R,T,V,X
#
loop_
_chem_comp.id
_chem_comp.type
_chem_comp.name
_chem_comp.formula
ACE non-polymer 'ACETYL GROUP' 'C2 H4 O'
CL non-polymer 'CHLORIDE ION' 'Cl -1'
NH2 non-polymer 'AMINO GROUP' 'H2 N'
#
# COMPACT_ATOMS: atom_id res chain seq x y z
N GLU A 1 5.05 27.89 -17.10
CA GLU A 1 4.43 29.02 -16.34
C GLU A 1 4.51 28.65 -14.85
N THR A 2 5.73 28.68 -14.29
CA THR A 2 6.10 27.92 -13.03
C THR A 2 5.14 26.74 -12.61
N LEU A 3 5.58 25.49 -12.82
CA LEU A 3 4.81 24.32 -12.44
C LEU A 3 5.37 23.98 -11.11
N VAL A 4 4.54 23.41 -10.25
CA VAL A 4 4.89 23.08 -8.89
C VAL A 4 4.97 21.56 -8.70
N ARG A 5 5.67 21.20 -7.65
CA ARG A 5 6.04 19.83 -7.39
C ARG A 5 5.53 19.52 -6.01
N PRO A 6 4.42 18.77 -5.92
CA PRO A 6 4.02 18.38 -4.57
C PRO A 6 5.07 17.53 -3.83
N LYS A 7 5.08 17.73 -2.53
CA LYS A 7 5.85 16.92 -1.61
C LYS A 7 5.09 15.58 -1.40
N PRO A 8 5.74 14.62 -0.68
CA PRO A 8 5.24 13.24 -0.88
C PRO A 8 3.85 12.94 -0.38
N LEU A 9 3.47 13.48 0.77
CA LEU A 9 2.13 13.29 1.25
C LEU A 9 1.07 14.00 0.34
N LEU A 10 1.36 15.20 -0.17
CA LEU A 10 0.37 15.83 -1.02
C LEU A 10 0.29 15.17 -2.37
N LEU A 11 1.40 14.74 -2.94
CA LEU A 11 1.37 13.97 -4.18
C LEU A 11 0.62 12.64 -3.97
N LYS A 12 0.80 12.03 -2.82
CA LYS A 12 0.07 10.76 -2.56
C LYS A 12 -1.43 11.05 -2.59
N LEU A 13 -1.82 12.18 -1.96
CA LEU A 13 -3.18 12.62 -1.84
C LEU A 13 -3.70 12.81 -3.25
N LEU A 14 -2.94 13.56 -4.04
CA LEU A 14 -3.36 13.89 -5.40
C LEU A 14 -3.56 12.70 -6.29
N LYS A 15 -2.72 11.67 -6.13
CA LYS A 15 -2.64 10.49 -6.97
C LYS A 15 -3.87 9.76 -6.57
N SER A 16 -4.19 9.68 -5.28
CA SER A 16 -5.24 8.75 -4.86
C SER A 16 -6.58 8.87 -5.57
N VAL A 17 -6.88 10.08 -6.07
CA VAL A 17 -8.13 10.44 -6.76
C VAL A 17 -8.01 10.80 -8.24
N GLY A 18 -7.07 10.15 -8.88
CA GLY A 18 -6.90 10.26 -10.28
C GLY A 18 -5.58 10.71 -10.85
N ALA A 19 -4.82 11.54 -10.13
CA ALA A 19 -3.79 12.35 -10.82
C ALA A 19 -2.59 11.57 -11.31
N GLN A 20 -2.09 11.96 -12.47
CA GLN A 20 -1.13 11.12 -13.17
C GLN A 20 0.33 11.44 -13.16
N LYS A 21 0.67 12.53 -12.50
CA LYS A 21 1.91 13.16 -12.74
C LYS A 21 2.55 13.68 -11.41
N ASP A 22 3.73 14.24 -11.56
CA ASP A 22 4.55 14.75 -10.47
C ASP A 22 4.53 16.24 -10.35
N THR A 23 4.33 16.94 -11.46
CA THR A 23 4.33 18.39 -11.52
C THR A 23 2.98 18.91 -12.11
N TYR A 24 2.58 20.09 -11.68
CA TYR A 24 1.25 20.66 -11.88
C TYR A 24 1.35 22.16 -11.89
N THR A 25 0.28 22.77 -12.37
CA THR A 25 -0.07 24.14 -12.02
C THR A 25 -0.79 24.13 -10.69
N MET A 26 -0.81 25.30 -10.01
CA MET A 26 -1.69 25.58 -8.81
C MET A 26 -3.16 25.30 -9.01
N LYS A 27 -3.78 25.88 -10.04
CA LYS A 27 -5.11 25.46 -10.55
C LYS A 27 -5.32 23.94 -10.40
N GLU A 28 -4.44 23.15 -11.01
CA GLU A 28 -4.55 21.68 -11.05
C GLU A 28 -4.48 21.07 -9.67
N VAL A 29 -3.52 21.48 -8.86
CA VAL A 29 -3.48 20.93 -7.53
C VAL A 29 -4.77 21.35 -6.74
N LEU A 30 -5.20 22.58 -6.92
CA LEU A 30 -6.48 23.02 -6.29
C LEU A 30 -7.73 22.31 -6.78
N PHE A 31 -7.81 21.88 -8.05
CA PHE A 31 -8.99 21.10 -8.47
C PHE A 31 -8.94 19.68 -7.92
N TYR A 32 -7.76 19.05 -7.97
CA TYR A 32 -7.59 17.70 -7.41
C TYR A 32 -7.80 17.68 -5.87
N LEU A 33 -7.37 18.74 -5.19
CA LEU A 33 -7.45 18.78 -3.74
C LEU A 33 -8.91 18.88 -3.26
N GLY A 34 -9.60 19.88 -3.84
CA GLY A 34 -11.06 20.06 -3.70
C GLY A 34 -11.84 18.80 -4.01
N GLN A 35 -11.47 18.12 -5.13
CA GLN A 35 -11.91 16.74 -5.44
C GLN A 35 -11.73 15.68 -4.34
N TYR A 36 -10.50 15.55 -3.81
CA TYR A 36 -10.15 14.66 -2.70
C TYR A 36 -11.09 14.80 -1.51
N ILE A 37 -11.41 16.04 -1.13
CA ILE A 37 -12.18 16.40 0.08
C ILE A 37 -13.62 15.87 -0.15
N MET A 38 -14.28 16.47 -1.17
CA MET A 38 -15.66 16.24 -1.58
C MET A 38 -15.84 14.78 -1.80
N THR A 39 -14.89 14.18 -2.52
CA THR A 39 -14.82 12.73 -2.71
C THR A 39 -14.67 11.92 -1.42
N LYS A 40 -13.82 12.36 -0.47
CA LYS A 40 -13.64 11.65 0.86
C LYS A 40 -14.72 11.99 1.90
N ARG A 41 -15.78 12.70 1.46
CA ARG A 41 -16.79 13.30 2.29
C ARG A 41 -16.13 13.70 3.59
N LEU A 42 -15.14 14.56 3.47
CA LEU A 42 -14.43 15.09 4.65
C LEU A 42 -15.15 16.34 5.06
N TYR A 43 -16.07 16.82 4.23
CA TYR A 43 -16.74 18.07 4.55
C TYR A 43 -17.97 17.91 5.43
N ASP A 44 -18.15 18.89 6.29
CA ASP A 44 -19.30 18.95 7.23
C ASP A 44 -20.57 19.23 6.47
N GLU A 45 -21.63 18.46 6.75
CA GLU A 45 -22.78 18.40 5.91
C GLU A 45 -23.65 19.61 6.06
N LYS A 46 -23.61 20.25 7.24
CA LYS A 46 -24.46 21.42 7.55
C LYS A 46 -23.76 22.77 7.44
N GLN A 47 -22.44 22.81 7.63
CA GLN A 47 -21.70 24.07 7.47
C GLN A 47 -20.43 23.79 6.63
N GLN A 48 -20.65 23.53 5.36
CA GLN A 48 -19.73 22.82 4.48
C GLN A 48 -18.41 23.53 4.07
N HIS A 49 -18.13 24.70 4.60
CA HIS A 49 -16.79 25.27 4.58
C HIS A 49 -15.89 24.65 5.64
N ILE A 50 -16.48 24.07 6.70
CA ILE A 50 -15.69 23.28 7.64
C ILE A 50 -15.26 21.91 7.03
N VAL A 51 -13.98 21.53 7.19
CA VAL A 51 -13.38 20.19 6.83
C VAL A 51 -12.61 19.47 7.95
N TYR A 52 -12.81 18.15 8.08
CA TYR A 52 -12.25 17.37 9.16
C TYR A 52 -11.10 16.60 8.53
N CYS A 53 -9.94 16.63 9.14
CA CYS A 53 -8.79 15.84 8.72
C CYS A 53 -8.17 14.99 9.86
N SER A 54 -8.91 14.76 10.95
CA SER A 54 -8.51 13.79 12.00
C SER A 54 -8.55 12.40 11.35
N ASN A 55 -7.60 11.52 11.69
CA ASN A 55 -7.49 10.17 11.11
C ASN A 55 -7.63 10.18 9.59
N ASP A 56 -6.94 11.12 8.98
CA ASP A 56 -6.87 11.26 7.51
C ASP A 56 -5.49 11.80 7.13
N LEU A 57 -5.07 11.34 5.97
CA LEU A 57 -3.91 11.86 5.21
C LEU A 57 -3.86 13.39 5.22
N LEU A 58 -4.98 14.01 4.94
CA LEU A 58 -5.09 15.46 4.95
C LEU A 58 -4.60 16.15 6.27
N GLY A 59 -4.92 15.61 7.44
CA GLY A 59 -4.41 16.15 8.67
C GLY A 59 -2.91 15.86 8.80
N ASP A 60 -2.46 14.74 8.19
CA ASP A 60 -1.04 14.38 8.22
C ASP A 60 -0.22 15.50 7.59
N LEU A 61 -0.73 16.11 6.52
CA LEU A 61 0.02 17.12 5.80
C LEU A 61 -0.27 18.50 6.41
N PHE A 62 -1.49 18.74 6.93
CA PHE A 62 -1.86 20.10 7.45
C PHE A 62 -1.66 20.29 8.96
N GLY A 63 -1.61 19.19 9.70
CA GLY A 63 -1.28 19.22 11.10
C GLY A 63 -2.36 19.68 12.09
N VAL A 64 -3.63 19.55 11.70
CA VAL A 64 -4.78 20.10 12.44
C VAL A 64 -5.98 19.13 12.32
N PRO A 65 -6.92 19.09 13.33
CA PRO A 65 -8.10 18.19 13.19
C PRO A 65 -9.19 18.67 12.26
N SER A 66 -9.21 19.99 12.06
CA SER A 66 -10.18 20.59 11.20
C SER A 66 -9.75 21.99 10.71
N PHE A 67 -10.50 22.51 9.76
CA PHE A 67 -10.23 23.83 9.14
C PHE A 67 -11.39 24.38 8.30
N SER A 68 -11.29 25.63 7.94
CA SER A 68 -12.42 26.29 7.39
C SER A 68 -11.93 26.84 6.07
N VAL A 69 -12.54 26.41 4.96
CA VAL A 69 -12.29 26.98 3.62
C VAL A 69 -12.24 28.52 3.64
N LYS A 70 -13.10 29.19 4.38
CA LYS A 70 -13.01 30.67 4.45
C LYS A 70 -11.61 31.32 4.68
N GLU A 71 -10.78 30.65 5.48
CA GLU A 71 -9.46 31.08 5.97
C GLU A 71 -8.49 31.04 4.77
N HIS A 72 -8.73 31.89 3.74
CA HIS A 72 -8.05 31.76 2.44
C HIS A 72 -6.52 31.81 2.63
N ARG A 73 -6.04 32.90 3.22
CA ARG A 73 -4.62 32.91 3.50
C ARG A 73 -4.07 31.72 4.32
N LYS A 74 -4.72 31.29 5.39
CA LYS A 74 -4.14 30.18 6.17
C LYS A 74 -3.96 28.87 5.32
N ILE A 75 -4.99 28.60 4.51
CA ILE A 75 -5.15 27.42 3.63
C ILE A 75 -4.15 27.44 2.50
N TYR A 76 -4.07 28.55 1.78
CA TYR A 76 -2.94 28.65 0.82
C TYR A 76 -1.58 28.38 1.47
N THR A 77 -1.35 28.98 2.63
CA THR A 77 -0.06 28.82 3.38
C THR A 77 0.33 27.34 3.63
N MET A 78 -0.57 26.60 4.27
CA MET A 78 -0.48 25.13 4.34
C MET A 78 -0.28 24.44 2.96
N ILE A 79 -0.99 24.81 1.88
CA ILE A 79 -0.79 24.11 0.56
C ILE A 79 0.62 24.37 0.14
N TYR A 80 1.04 25.64 0.10
CA TYR A 80 2.43 25.94 -0.33
C TYR A 80 3.53 25.20 0.47
N ARG A 81 3.32 24.98 1.79
CA ARG A 81 4.29 24.34 2.63
C ARG A 81 4.50 22.99 2.05
N ASN A 82 3.47 22.46 1.40
CA ASN A 82 3.49 21.15 0.71
C ASN A 82 3.88 21.10 -0.80
N LEU A 83 4.47 22.17 -1.30
CA LEU A 83 4.88 22.30 -2.70
C LEU A 83 6.31 22.86 -2.79
N VAL A 84 7.07 22.37 -3.77
CA VAL A 84 8.27 23.09 -4.18
C VAL A 84 7.89 23.89 -5.40
N VAL A 85 8.03 25.22 -5.35
CA VAL A 85 7.31 26.04 -6.36
C VAL A 85 8.30 26.62 -7.32
C ACE B 1 -25.51 27.52 1.99
O ACE B 1 -25.73 27.01 0.88
CH3 ACE B 1 -26.62 28.44 2.53
N THR B 2 -24.42 28.26 1.80
CA THR B 2 -23.32 28.23 0.79
C THR B 2 -22.65 26.87 0.70
N SER B 3 -22.47 26.45 -0.53
CA SER B 3 -21.89 25.15 -0.81
C SER B 3 -20.38 25.12 -0.55
N PHE B 4 -19.83 23.93 -0.30
CA PHE B 4 -18.38 23.77 -0.13
C PHE B 4 -17.74 24.19 -1.43
N ALA B 5 -18.26 23.62 -2.51
CA ALA B 5 -17.98 23.99 -3.89
C ALA B 5 -17.63 25.46 -4.08
N GLU B 6 -18.56 26.32 -3.71
CA GLU B 6 -18.46 27.79 -3.86
C GLU B 6 -17.44 28.42 -2.92
N TYR B 7 -17.42 28.01 -1.65
CA TYR B 7 -16.43 28.49 -0.69
C TYR B 7 -15.01 28.24 -1.18
N TRP B 8 -14.82 27.05 -1.75
CA TRP B 8 -13.58 26.63 -2.37
C TRP B 8 -13.40 27.35 -3.68
C 9E7 B 9 -14.12 30.09 -5.48
S 9E7 B 9 -15.30 33.83 -7.74
N 9E7 B 9 -14.42 27.76 -4.38
CA 9E7 B 9 -14.42 28.55 -5.62
CB 9E7 B 9 -15.77 28.41 -6.33
CG 9E7 B 9 -15.71 28.74 -7.86
CD 9E7 B 9 -17.00 29.26 -8.52
CE 9E7 B 9 -16.68 30.38 -9.52
NZ 9E7 B 9 -16.43 31.69 -8.81
O 9E7 B 9 -12.94 30.49 -5.67
C1 9E7 B 9 -15.05 32.19 -8.53
N LEU B 10 -14.25 30.49 -4.22
CA LEU B 10 -13.90 31.76 -3.50
C LEU B 10 -12.44 31.75 -3.02
N LEU B 11 -12.00 30.59 -2.50
CA LEU B 11 -10.59 30.28 -2.20
C LEU B 11 -9.59 30.40 -3.37
N SER B 12 -9.82 29.69 -4.47
CA SER B 12 -9.25 30.05 -5.78
C SER B 12 -9.86 31.42 -6.25
N CYS B 13 -10.02 31.63 -7.56
CA CYS B 13 -10.69 32.82 -8.15
C CYS B 13 -9.91 34.12 -7.85
N NH2 B 14 -9.81 34.73 -6.74
N GLU C 1 -20.17 4.34 15.00
CA GLU C 1 -19.53 3.61 16.17
C GLU C 1 -18.22 2.72 15.99
N THR C 2 -17.33 2.86 16.96
CA THR C 2 -16.14 2.02 17.15
C THR C 2 -16.45 0.64 17.72
N LEU C 3 -15.42 -0.21 17.84
CA LEU C 3 -15.65 -1.54 18.49
C LEU C 3 -15.13 -1.77 19.88
N VAL C 4 -15.95 -2.42 20.72
CA VAL C 4 -15.72 -2.60 22.14
C VAL C 4 -15.50 -4.08 22.43
N ARG C 5 -14.74 -4.38 23.49
CA ARG C 5 -14.34 -5.75 23.73
C ARG C 5 -14.88 -6.25 25.09
N PRO C 6 -15.97 -6.98 25.12
CA PRO C 6 -16.44 -7.46 26.45
C PRO C 6 -15.47 -8.31 27.24
N LYS C 7 -15.51 -8.17 28.58
CA LYS C 7 -14.67 -8.94 29.55
C LYS C 7 -15.34 -10.32 29.74
N PRO C 8 -14.65 -11.32 30.28
CA PRO C 8 -15.13 -12.72 30.13
C PRO C 8 -16.56 -13.01 30.59
N LEU C 9 -17.00 -12.44 31.74
CA LEU C 9 -18.39 -12.71 32.25
C LEU C 9 -19.50 -12.05 31.39
N LEU C 10 -19.26 -10.84 30.93
CA LEU C 10 -20.17 -10.22 29.99
C LEU C 10 -20.18 -11.00 28.66
N LEU C 11 -18.99 -11.46 28.22
CA LEU C 11 -18.78 -12.15 26.96
C LEU C 11 -19.66 -13.40 27.06
N LYS C 12 -19.58 -14.11 28.18
CA LYS C 12 -20.40 -15.32 28.44
C LYS C 12 -21.88 -14.98 28.34
N LEU C 13 -22.30 -13.87 28.98
CA LEU C 13 -23.74 -13.42 28.93
C LEU C 13 -24.27 -13.24 27.51
N LEU C 14 -23.48 -12.48 26.73
CA LEU C 14 -23.75 -12.19 25.35
C LEU C 14 -23.83 -13.41 24.40
N LYS C 15 -22.84 -14.32 24.54
CA LYS C 15 -22.81 -15.59 23.81
C LYS C 15 -23.89 -16.60 24.29
N SER C 16 -24.32 -16.45 25.54
CA SER C 16 -25.34 -17.31 26.19
C SER C 16 -26.69 -17.14 25.57
N VAL C 17 -26.87 -16.00 24.89
CA VAL C 17 -28.04 -15.75 24.04
C VAL C 17 -27.76 -15.52 22.55
N GLY C 18 -26.59 -15.92 22.06
CA GLY C 18 -26.38 -16.17 20.64
C GLY C 18 -25.35 -15.31 19.94
N ALA C 19 -24.73 -14.36 20.63
CA ALA C 19 -23.83 -13.46 19.89
C ALA C 19 -22.59 -14.25 19.41
N GLN C 20 -22.16 -14.04 18.18
CA GLN C 20 -21.09 -14.90 17.69
C GLN C 20 -19.70 -14.28 17.58
N LYS C 21 -19.47 -13.12 18.22
N LYS C 21 -19.41 -13.18 18.28
CA LYS C 21 -18.16 -12.40 18.13
CA LYS C 21 -18.05 -12.63 18.20
C LYS C 21 -17.50 -12.16 19.50
C LYS C 21 -17.49 -12.17 19.53
N ASP C 22 -16.24 -11.70 19.48
CA ASP C 22 -15.54 -11.03 20.66
C ASP C 22 -15.59 -9.50 20.72
N THR C 23 -15.59 -8.83 19.58
CA THR C 23 -15.85 -7.37 19.54
C THR C 23 -17.23 -6.87 18.95
N TYR C 24 -17.80 -5.83 19.54
CA TYR C 24 -19.12 -5.30 19.16
C TYR C 24 -19.18 -3.78 19.14
N THR C 25 -20.18 -3.27 18.43
CA THR C 25 -20.66 -1.91 18.74
C THR C 25 -21.30 -1.84 20.12
N MET C 26 -21.44 -0.60 20.59
N MET C 26 -21.40 -0.63 20.62
CA MET C 26 -22.13 -0.36 21.84
CA MET C 26 -22.11 -0.47 21.84
C MET C 26 -23.61 -0.71 21.69
C MET C 26 -23.58 -0.85 21.64
N LYS C 27 -24.19 -0.42 20.54
CA LYS C 27 -25.59 -0.76 20.32
C LYS C 27 -25.79 -2.34 20.16
N GLU C 28 -24.75 -3.09 19.80
CA GLU C 28 -24.89 -4.56 19.71
C GLU C 28 -24.86 -5.16 21.10
N VAL C 29 -23.95 -4.64 21.89
CA VAL C 29 -23.91 -4.92 23.33
C VAL C 29 -25.27 -4.64 23.96
N LEU C 30 -25.85 -3.46 23.75
CA LEU C 30 -27.17 -3.15 24.38
C LEU C 30 -28.28 -4.07 23.93
N PHE C 31 -28.22 -4.41 22.66
CA PHE C 31 -29.33 -5.12 22.04
C PHE C 31 -29.32 -6.53 22.63
N TYR C 32 -28.14 -7.11 22.79
CA TYR C 32 -27.99 -8.44 23.39
C TYR C 32 -28.13 -8.48 24.91
N LEU C 33 -27.56 -7.54 25.67
CA LEU C 33 -27.91 -7.45 27.11
C LEU C 33 -29.44 -7.39 27.44
N GLY C 34 -30.18 -6.51 26.77
CA GLY C 34 -31.61 -6.42 26.92
C GLY C 34 -32.28 -7.73 26.51
N GLN C 35 -31.77 -8.39 25.48
CA GLN C 35 -32.25 -9.68 25.05
C GLN C 35 -32.10 -10.76 26.10
N TYR C 36 -30.94 -10.77 26.76
CA TYR C 36 -30.64 -11.63 27.88
C TYR C 36 -31.64 -11.37 29.00
N ILE C 37 -31.83 -10.10 29.33
CA ILE C 37 -32.80 -9.70 30.37
C ILE C 37 -34.22 -10.28 30.06
N MET C 38 -34.70 -10.16 28.82
CA MET C 38 -36.03 -10.71 28.53
C MET C 38 -35.99 -12.25 28.46
N THR C 39 -35.01 -12.84 27.76
CA THR C 39 -34.97 -14.32 27.68
C THR C 39 -34.98 -14.96 29.09
N LYS C 40 -34.23 -14.39 30.04
CA LYS C 40 -34.16 -14.94 31.40
C LYS C 40 -35.32 -14.46 32.37
N ARG C 41 -36.18 -13.53 31.87
CA ARG C 41 -37.37 -12.90 32.57
C ARG C 41 -37.03 -12.37 33.93
N LEU C 42 -35.93 -11.62 33.93
CA LEU C 42 -35.41 -10.91 35.11
C LEU C 42 -36.17 -9.61 35.41
N TYR C 43 -37.08 -9.23 34.57
CA TYR C 43 -37.73 -7.96 34.86
C TYR C 43 -38.95 -8.25 35.70
N ASP C 44 -39.33 -7.27 36.50
CA ASP C 44 -40.48 -7.35 37.36
C ASP C 44 -41.65 -7.23 36.43
N GLU C 45 -42.67 -8.04 36.65
CA GLU C 45 -43.96 -7.89 35.95
C GLU C 45 -44.61 -6.51 36.18
N LYS C 46 -44.53 -5.96 37.39
CA LYS C 46 -45.39 -4.80 37.76
C LYS C 46 -44.73 -3.45 37.55
N GLN C 47 -43.51 -3.29 38.05
CA GLN C 47 -42.70 -2.14 37.71
C GLN C 47 -41.59 -2.69 36.84
N GLN C 48 -41.68 -2.59 35.50
CA GLN C 48 -40.84 -3.39 34.58
C GLN C 48 -39.50 -2.74 34.27
N HIS C 49 -39.25 -1.56 34.80
CA HIS C 49 -37.93 -1.02 34.87
C HIS C 49 -37.08 -1.80 35.89
N ILE C 50 -37.72 -2.55 36.81
CA ILE C 50 -36.95 -3.28 37.78
C ILE C 50 -36.39 -4.59 37.25
N VAL C 51 -35.06 -4.77 37.39
CA VAL C 51 -34.40 -6.01 37.10
C VAL C 51 -33.88 -6.74 38.37
N TYR C 52 -34.13 -8.04 38.45
CA TYR C 52 -33.65 -8.98 39.48
C TYR C 52 -32.37 -9.78 39.00
N CYS C 53 -31.24 -9.50 39.63
CA CYS C 53 -29.96 -10.03 39.27
C CYS C 53 -29.49 -11.16 40.12
N SER C 54 -30.17 -11.42 41.23
CA SER C 54 -29.72 -12.37 42.21
C SER C 54 -29.60 -13.84 41.66
N ASN C 55 -28.50 -14.46 42.04
CA ASN C 55 -28.21 -15.85 41.64
C ASN C 55 -28.03 -16.08 40.14
N ASP C 56 -27.82 -14.99 39.41
CA ASP C 56 -27.72 -14.96 37.95
C ASP C 56 -26.36 -14.36 37.50
N LEU C 57 -25.86 -14.85 36.37
CA LEU C 57 -24.69 -14.26 35.67
C LEU C 57 -24.65 -12.73 35.81
N LEU C 58 -25.78 -12.08 35.57
CA LEU C 58 -25.77 -10.62 35.47
C LEU C 58 -25.47 -9.99 36.80
N GLY C 59 -25.91 -10.64 37.89
CA GLY C 59 -25.70 -10.10 39.20
C GLY C 59 -24.25 -10.11 39.60
N ASP C 60 -23.64 -11.24 39.31
CA ASP C 60 -22.22 -11.46 39.48
C ASP C 60 -21.45 -10.45 38.58
N LEU C 61 -22.01 -10.11 37.40
CA LEU C 61 -21.38 -9.21 36.47
C LEU C 61 -21.40 -7.70 36.95
N PHE C 62 -22.56 -7.26 37.32
CA PHE C 62 -22.76 -5.92 37.81
C PHE C 62 -22.41 -5.70 39.26
N GLY C 63 -22.55 -6.75 40.04
CA GLY C 63 -22.21 -6.74 41.48
C GLY C 63 -23.32 -6.12 42.26
N VAL C 64 -24.59 -6.32 41.78
CA VAL C 64 -25.82 -5.84 42.42
C VAL C 64 -26.87 -6.97 42.42
N PRO C 65 -27.69 -7.04 43.47
CA PRO C 65 -28.82 -7.96 43.48
C PRO C 65 -30.03 -7.48 42.63
N SER C 66 -30.10 -6.19 42.29
CA SER C 66 -31.21 -5.63 41.59
C SER C 66 -30.83 -4.20 41.16
N PHE C 67 -31.57 -3.68 40.18
CA PHE C 67 -31.36 -2.34 39.64
C PHE C 67 -32.55 -1.88 38.87
N SER C 68 -32.55 -0.58 38.58
CA SER C 68 -33.57 -0.02 37.72
C SER C 68 -33.03 0.53 36.40
N VAL C 69 -33.75 0.18 35.35
CA VAL C 69 -33.48 0.56 33.96
C VAL C 69 -33.64 2.07 33.78
N LYS C 70 -34.36 2.72 34.67
CA LYS C 70 -34.40 4.17 34.68
C LYS C 70 -33.14 4.89 35.12
N GLU C 71 -32.16 4.21 35.72
CA GLU C 71 -30.90 4.88 36.09
C GLU C 71 -29.88 4.72 34.97
N HIS C 72 -29.97 5.63 33.98
CA HIS C 72 -29.27 5.43 32.70
C HIS C 72 -27.78 5.41 32.95
N ARG C 73 -27.29 6.48 33.57
CA ARG C 73 -25.88 6.62 33.82
C ARG C 73 -25.33 5.52 34.74
N LYS C 74 -25.97 5.28 35.86
CA LYS C 74 -25.49 4.06 36.67
C LYS C 74 -25.44 2.69 35.88
N ILE C 75 -26.43 2.43 35.03
CA ILE C 75 -26.46 1.20 34.18
C ILE C 75 -25.30 1.24 33.21
N TYR C 76 -25.07 2.37 32.54
CA TYR C 76 -23.86 2.49 31.67
C TYR C 76 -22.50 2.29 32.40
N THR C 77 -22.39 2.75 33.65
CA THR C 77 -21.15 2.71 34.37
C THR C 77 -20.77 1.24 34.62
N MET C 78 -21.75 0.50 35.09
CA MET C 78 -21.59 -0.91 35.29
C MET C 78 -21.26 -1.62 33.96
N ILE C 79 -21.80 -1.16 32.81
CA ILE C 79 -21.58 -1.80 31.50
C ILE C 79 -20.19 -1.52 31.03
N TYR C 80 -19.75 -0.28 31.06
CA TYR C 80 -18.32 0.04 30.77
C TYR C 80 -17.26 -0.53 31.71
N ARG C 81 -17.64 -0.84 32.94
CA ARG C 81 -16.70 -1.54 33.83
C ARG C 81 -16.33 -2.93 33.28
N ASN C 82 -17.21 -3.48 32.43
CA ASN C 82 -17.11 -4.80 31.80
C ASN C 82 -16.74 -4.81 30.28
N LEU C 83 -16.35 -3.63 29.80
CA LEU C 83 -15.83 -3.45 28.48
C LEU C 83 -14.41 -2.83 28.51
N VAL C 84 -13.54 -3.30 27.65
CA VAL C 84 -12.29 -2.63 27.33
C VAL C 84 -12.69 -1.86 26.11
N VAL C 85 -12.68 -0.54 26.25
CA VAL C 85 -12.93 0.35 25.14
C VAL C 85 -11.61 0.64 24.57
C ACE D 1 -46.98 0.49 31.50
O ACE D 1 -47.60 -0.37 30.83
CH3 ACE D 1 -47.22 0.42 33.02
N THR D 2 -45.76 0.29 31.00
CA THR D 2 -44.45 0.38 30.24
C THR D 2 -43.66 -0.90 30.33
N SER D 3 -43.34 -1.49 29.17
CA SER D 3 -42.69 -2.77 29.13
C SER D 3 -41.26 -2.55 29.53
N PHE D 4 -40.56 -3.62 29.85
CA PHE D 4 -39.14 -3.54 29.96
C PHE D 4 -38.55 -3.19 28.57
N ALA D 5 -38.88 -3.96 27.53
CA ALA D 5 -38.30 -3.72 26.18
C ALA D 5 -38.44 -2.25 25.91
N GLU D 6 -39.59 -1.73 26.33
CA GLU D 6 -39.83 -0.32 26.29
C GLU D 6 -38.85 0.56 27.03
N TYR D 7 -38.57 0.26 28.29
CA TYR D 7 -37.61 1.05 29.05
C TYR D 7 -36.22 0.76 28.50
N TRP D 8 -35.98 -0.47 28.04
CA TRP D 8 -34.67 -0.80 27.52
C TRP D 8 -34.40 -0.17 26.14
C 9E7 D 9 -34.92 2.48 24.18
S 9E7 D 9 -35.72 6.17 22.63
N 9E7 D 9 -35.26 0.27 25.31
CA 9E7 D 9 -35.06 0.94 24.04
CB 9E7 D 9 -36.22 0.71 23.11
CG 9E7 D 9 -35.79 1.03 21.65
CD 9E7 D 9 -36.52 2.11 20.84
CE 9E7 D 9 -36.42 3.59 21.26
NZ 9E7 D 9 -35.02 4.05 20.97
O 9E7 D 9 -33.76 2.90 24.15
C1 9E7 D 9 -34.47 5.13 21.83
N LEU D 10 -35.31 3.02 25.32
CA LEU D 10 -35.18 4.33 26.05
C LEU D 10 -33.79 4.55 26.70
N LEU D 11 -33.15 3.49 27.18
CA LEU D 11 -31.71 3.45 27.64
C LEU D 11 -30.56 3.90 26.66
N SER D 12 -30.72 3.87 25.35
CA SER D 12 -29.84 4.69 24.45
C SER D 12 -30.50 5.64 23.49
N CYS D 13 -30.98 5.03 22.38
CA CYS D 13 -30.72 5.39 20.95
C CYS D 13 -30.30 6.84 20.56
N NH2 D 14 -29.40 7.70 20.89
N THR E 2 18.22 -11.29 -11.79
CA THR E 2 19.38 -12.10 -11.26
C THR E 2 18.95 -13.21 -10.20
N LEU E 3 19.63 -14.36 -10.18
CA LEU E 3 19.09 -15.53 -9.46
C LEU E 3 19.75 -15.55 -8.12
N VAL E 4 19.11 -16.22 -7.16
CA VAL E 4 19.68 -16.41 -5.83
C VAL E 4 19.97 -17.91 -5.77
N ARG E 5 20.90 -18.28 -4.90
CA ARG E 5 21.31 -19.61 -4.65
C ARG E 5 21.11 -19.86 -3.14
N PRO E 6 20.02 -20.57 -2.77
CA PRO E 6 19.78 -20.98 -1.38
C PRO E 6 20.91 -21.84 -0.78
N LYS E 7 21.23 -21.56 0.49
CA LYS E 7 22.07 -22.40 1.28
C LYS E 7 21.39 -23.71 1.53
N PRO E 8 22.15 -24.72 1.89
CA PRO E 8 21.64 -26.09 1.82
C PRO E 8 20.50 -26.37 2.81
N LEU E 9 20.45 -25.69 3.97
CA LEU E 9 19.26 -25.81 4.85
C LEU E 9 17.99 -25.29 4.14
N LEU E 10 17.99 -24.04 3.68
CA LEU E 10 16.83 -23.56 2.82
C LEU E 10 16.55 -24.38 1.56
N LEU E 11 17.58 -24.80 0.78
CA LEU E 11 17.32 -25.69 -0.35
C LEU E 11 16.59 -27.02 -0.01
N LYS E 12 16.99 -27.70 1.08
CA LYS E 12 16.33 -28.92 1.60
C LYS E 12 14.85 -28.62 1.87
N LEU E 13 14.56 -27.46 2.47
CA LEU E 13 13.19 -27.00 2.68
C LEU E 13 12.47 -27.00 1.36
N LEU E 14 12.89 -26.14 0.42
CA LEU E 14 12.36 -26.19 -0.95
C LEU E 14 12.35 -27.61 -1.62
N LYS E 15 13.38 -28.45 -1.45
CA LYS E 15 13.46 -29.80 -2.13
C LYS E 15 12.54 -30.89 -1.46
N SER E 16 12.34 -30.73 -0.14
CA SER E 16 11.52 -31.61 0.71
C SER E 16 10.06 -31.67 0.29
N VAL E 17 9.60 -30.66 -0.46
CA VAL E 17 8.31 -30.75 -1.15
C VAL E 17 8.30 -30.66 -2.69
N GLY E 18 9.47 -30.52 -3.33
CA GLY E 18 9.63 -30.93 -4.75
C GLY E 18 10.64 -30.27 -5.68
N ALA E 19 11.16 -29.13 -5.24
CA ALA E 19 12.22 -28.41 -5.93
C ALA E 19 13.34 -29.38 -6.26
N GLN E 20 13.86 -29.34 -7.50
CA GLN E 20 15.08 -30.11 -7.90
C GLN E 20 16.11 -29.17 -8.59
N LYS E 21 16.10 -27.86 -8.32
CA LYS E 21 17.21 -27.00 -8.84
C LYS E 21 17.92 -26.06 -7.81
N ASP E 22 19.03 -25.46 -8.22
CA ASP E 22 19.94 -24.80 -7.29
C ASP E 22 19.66 -23.28 -7.22
N THR E 23 19.32 -22.59 -8.34
CA THR E 23 19.05 -21.12 -8.35
C THR E 23 17.64 -20.74 -8.88
N TYR E 24 17.13 -19.57 -8.46
CA TYR E 24 15.71 -19.17 -8.53
C TYR E 24 15.66 -17.69 -8.41
N THR E 25 14.59 -17.05 -8.86
CA THR E 25 14.41 -15.76 -8.28
C THR E 25 13.71 -15.97 -6.97
N MET E 26 13.51 -14.86 -6.32
CA MET E 26 12.80 -14.81 -5.05
C MET E 26 11.32 -15.29 -5.14
N LYS E 27 10.63 -14.99 -6.25
CA LYS E 27 9.24 -15.43 -6.47
C LYS E 27 9.15 -16.93 -6.40
N GLU E 28 10.14 -17.58 -7.01
CA GLU E 28 10.28 -19.01 -6.91
C GLU E 28 10.50 -19.49 -5.45
N VAL E 29 11.45 -18.88 -4.76
CA VAL E 29 11.77 -19.21 -3.35
C VAL E 29 10.52 -19.03 -2.46
N LEU E 30 9.83 -17.91 -2.56
CA LEU E 30 8.61 -17.66 -1.73
C LEU E 30 7.41 -18.68 -1.96
N PHE E 31 7.06 -19.00 -3.22
CA PHE E 31 5.97 -20.02 -3.55
C PHE E 31 6.32 -21.42 -2.98
N TYR E 32 7.58 -21.81 -3.07
CA TYR E 32 7.96 -23.09 -2.43
C TYR E 32 7.88 -22.98 -0.88
N LEU E 33 8.22 -21.78 -0.40
CA LEU E 33 8.15 -21.49 1.02
C LEU E 33 6.73 -21.68 1.58
N GLY E 34 5.74 -21.04 0.97
CA GLY E 34 4.27 -21.30 1.21
C GLY E 34 3.70 -22.74 1.11
N GLN E 35 4.24 -23.48 0.15
CA GLN E 35 3.84 -24.83 -0.16
C GLN E 35 4.36 -25.77 0.89
N TYR E 36 5.58 -25.44 1.36
CA TYR E 36 6.23 -26.18 2.45
C TYR E 36 5.24 -26.18 3.57
N ILE E 37 4.70 -24.98 3.80
CA ILE E 37 3.92 -24.61 4.98
C ILE E 37 2.53 -25.12 4.92
N MET E 38 1.93 -25.26 3.75
CA MET E 38 0.52 -25.66 3.65
C MET E 38 0.53 -27.19 3.60
N THR E 39 1.41 -27.82 2.85
CA THR E 39 1.60 -29.30 2.96
C THR E 39 1.96 -29.86 4.32
N LYS E 40 2.80 -29.11 5.04
CA LYS E 40 3.19 -29.44 6.40
C LYS E 40 2.16 -28.74 7.31
N ARG E 41 1.33 -27.84 6.76
CA ARG E 41 0.15 -27.24 7.44
C ARG E 41 0.59 -26.76 8.79
N LEU E 42 1.26 -25.62 8.79
CA LEU E 42 1.82 -24.95 9.97
C LEU E 42 1.30 -23.52 10.15
N TYR E 43 0.32 -23.06 9.33
CA TYR E 43 -0.21 -21.69 9.49
C TYR E 43 -1.39 -21.67 10.50
N ASP E 44 -1.70 -20.55 11.17
CA ASP E 44 -2.79 -20.60 12.20
C ASP E 44 -4.11 -20.40 11.47
N GLU E 45 -5.20 -20.95 12.00
CA GLU E 45 -6.54 -20.93 11.33
C GLU E 45 -7.28 -19.62 11.20
N LYS E 46 -7.22 -18.85 12.31
CA LYS E 46 -7.90 -17.56 12.65
C LYS E 46 -6.99 -16.30 12.46
N GLN E 47 -5.78 -16.40 12.99
CA GLN E 47 -4.72 -15.39 12.90
C GLN E 47 -3.72 -15.97 11.91
N GLN E 48 -4.09 -15.83 10.65
CA GLN E 48 -3.44 -16.62 9.60
C GLN E 48 -2.16 -16.02 9.21
N HIS E 49 -1.87 -14.82 9.70
CA HIS E 49 -0.51 -14.28 9.66
C HIS E 49 0.49 -15.07 10.59
N ILE E 50 0.02 -16.08 11.38
CA ILE E 50 0.92 -16.88 12.34
C ILE E 50 1.25 -18.29 11.86
N VAL E 51 2.53 -18.66 11.94
CA VAL E 51 3.01 -19.97 11.49
C VAL E 51 3.77 -20.64 12.65
N TYR E 52 3.49 -21.93 12.92
CA TYR E 52 4.06 -22.77 13.99
C TYR E 52 5.18 -23.68 13.41
N CYS E 53 6.30 -23.79 14.09
CA CYS E 53 7.38 -24.58 13.50
C CYS E 53 8.34 -25.13 14.55
N SER E 54 7.80 -25.36 15.74
CA SER E 54 8.58 -25.91 16.80
C SER E 54 8.78 -27.28 16.21
N ASN E 55 9.84 -27.96 16.61
CA ASN E 55 10.11 -29.37 16.19
C ASN E 55 10.41 -29.67 14.67
N ASP E 56 10.70 -28.62 13.87
CA ASP E 56 10.63 -28.70 12.39
C ASP E 56 11.76 -27.92 11.60
N LEU E 57 11.95 -28.25 10.31
CA LEU E 57 12.92 -27.62 9.37
C LEU E 57 12.85 -26.07 9.43
N LEU E 58 11.62 -25.58 9.29
CA LEU E 58 11.37 -24.15 9.33
C LEU E 58 11.88 -23.58 10.64
N GLY E 59 11.67 -24.32 11.73
CA GLY E 59 12.16 -23.89 13.04
C GLY E 59 13.63 -23.60 13.01
N ASP E 60 14.34 -24.49 12.34
CA ASP E 60 15.77 -24.43 12.26
C ASP E 60 16.17 -23.17 11.46
N LEU E 61 15.45 -22.88 10.39
CA LEU E 61 15.69 -21.64 9.60
C LEU E 61 15.40 -20.34 10.41
N PHE E 62 14.21 -20.19 10.96
CA PHE E 62 13.77 -18.96 11.63
C PHE E 62 14.43 -18.81 13.04
N GLY E 63 14.66 -19.95 13.72
CA GLY E 63 15.27 -19.98 15.04
C GLY E 63 14.34 -19.69 16.21
N VAL E 64 13.01 -19.77 15.97
CA VAL E 64 11.97 -19.64 16.98
C VAL E 64 10.82 -20.63 16.57
N PRO E 65 9.96 -21.04 17.54
CA PRO E 65 8.63 -21.68 17.55
C PRO E 65 7.50 -21.20 16.65
N SER E 66 7.55 -19.93 16.32
CA SER E 66 6.42 -19.31 15.76
C SER E 66 6.82 -17.98 15.15
N PHE E 67 6.05 -17.51 14.15
CA PHE E 67 6.34 -16.22 13.64
C PHE E 67 5.17 -15.60 12.94
N SER E 68 5.33 -14.28 12.75
CA SER E 68 4.33 -13.40 12.17
C SER E 68 4.75 -12.95 10.74
N VAL E 69 3.87 -13.33 9.82
CA VAL E 69 3.71 -12.83 8.46
C VAL E 69 3.53 -11.30 8.28
N LYS E 70 2.89 -10.58 9.22
CA LYS E 70 2.86 -9.11 9.23
C LYS E 70 4.21 -8.36 9.43
N GLU E 71 5.28 -9.04 9.81
CA GLU E 71 6.66 -8.48 9.89
C GLU E 71 7.54 -9.05 8.74
N HIS E 72 7.59 -8.26 7.69
CA HIS E 72 8.17 -8.63 6.44
C HIS E 72 9.67 -8.80 6.66
N ARG E 73 10.25 -7.93 7.50
CA ARG E 73 11.68 -7.98 7.78
C ARG E 73 12.10 -9.33 8.22
N LYS E 74 11.25 -9.93 9.06
CA LYS E 74 11.50 -11.17 9.74
C LYS E 74 11.57 -12.35 8.72
N ILE E 75 10.71 -12.39 7.70
CA ILE E 75 10.74 -13.50 6.73
C ILE E 75 11.88 -13.28 5.71
N TYR E 76 12.02 -12.07 5.22
CA TYR E 76 13.15 -11.77 4.33
C TYR E 76 14.54 -11.92 4.98
N THR E 77 14.68 -11.56 6.26
CA THR E 77 15.93 -11.81 7.02
C THR E 77 16.34 -13.28 6.82
N MET E 78 15.36 -14.15 7.11
CA MET E 78 15.60 -15.59 7.07
C MET E 78 16.08 -15.95 5.68
N ILE E 79 15.33 -15.52 4.68
CA ILE E 79 15.70 -15.84 3.31
C ILE E 79 17.09 -15.38 2.99
N TYR E 80 17.32 -14.08 3.15
CA TYR E 80 18.56 -13.52 2.73
C TYR E 80 19.75 -14.12 3.48
N ARG E 81 19.62 -14.47 4.77
CA ARG E 81 20.78 -15.04 5.48
C ARG E 81 21.11 -16.43 4.86
N ASN E 82 20.19 -17.01 4.08
CA ASN E 82 20.30 -18.40 3.75
C ASN E 82 20.44 -18.57 2.29
N LEU E 83 21.21 -17.66 1.70
CA LEU E 83 21.41 -17.43 0.26
C LEU E 83 22.90 -17.21 -0.29
N VAL E 84 23.20 -15.99 -0.79
CA VAL E 84 24.57 -15.55 -1.15
C VAL E 84 24.58 -14.02 -1.16
C ACE F 1 -11.23 -13.41 5.40
O ACE F 1 -10.90 -14.39 4.71
CH3 ACE F 1 -12.31 -13.69 6.45
N THR F 2 -9.99 -13.19 5.78
CA THR F 2 -8.54 -12.86 5.51
C THR F 2 -7.84 -14.19 5.11
N SER F 3 -6.68 -14.12 4.50
CA SER F 3 -6.08 -15.36 4.04
C SER F 3 -4.61 -15.29 4.38
N PHE F 4 -3.95 -16.41 4.67
CA PHE F 4 -2.48 -16.43 4.75
C PHE F 4 -1.91 -16.07 3.40
N ALA F 5 -2.54 -16.63 2.38
CA ALA F 5 -2.20 -16.41 0.99
C ALA F 5 -2.12 -14.90 0.67
N GLU F 6 -3.05 -14.14 1.24
CA GLU F 6 -3.13 -12.70 1.06
C GLU F 6 -2.06 -11.88 1.84
N TYR F 7 -1.85 -12.24 3.12
CA TYR F 7 -0.72 -11.72 3.91
C TYR F 7 0.60 -12.10 3.24
N TRP F 8 0.69 -13.28 2.65
CA TRP F 8 1.88 -13.72 1.94
C TRP F 8 2.08 -12.98 0.61
C 9E7 F 9 1.38 -10.23 -1.19
S 9E7 F 9 1.12 -5.49 -3.46
N 9E7 F 9 1.21 -12.59 -0.28
CA 9E7 F 9 1.04 -11.75 -1.44
CB 9E7 F 9 -0.38 -11.81 -2.07
CG 9E7 F 9 -0.43 -11.05 -3.45
CD 9E7 F 9 -1.44 -9.90 -3.68
CE 9E7 F 9 -0.85 -8.72 -4.51
NZ 9E7 F 9 0.14 -7.94 -3.67
O 9E7 F 9 2.54 -9.88 -1.45
C1 9E7 F 9 1.22 -7.12 -4.31
N LEU F 10 0.98 -9.70 -0.02
CA LEU F 10 1.55 -8.34 0.38
C LEU F 10 2.97 -8.41 0.93
N LEU F 11 3.34 -9.54 1.56
CA LEU F 11 4.73 -9.77 2.03
C LEU F 11 5.75 -9.78 0.93
N SER F 12 5.41 -10.57 -0.08
CA SER F 12 6.16 -10.61 -1.29
C SER F 12 6.25 -9.23 -1.93
N CYS F 13 5.23 -8.36 -1.80
CA CYS F 13 5.24 -7.04 -2.48
C CYS F 13 5.99 -5.95 -1.70
N NH2 F 14 5.90 -5.80 -0.43
N GLU G 1 44.90 -4.92 6.64
CA GLU G 1 46.00 -3.98 7.08
C GLU G 1 46.81 -4.55 8.29
N THR G 2 46.87 -3.85 9.42
CA THR G 2 47.55 -4.39 10.60
C THR G 2 46.43 -4.95 11.41
N LEU G 3 46.72 -5.43 12.62
CA LEU G 3 45.63 -5.95 13.41
C LEU G 3 45.67 -5.38 14.83
N VAL G 4 44.58 -4.72 15.20
CA VAL G 4 44.41 -4.13 16.52
C VAL G 4 43.43 -5.00 17.30
N ARG G 5 43.58 -5.06 18.63
CA ARG G 5 42.66 -5.77 19.51
C ARG G 5 41.95 -4.73 20.42
N PRO G 6 40.64 -4.55 20.26
CA PRO G 6 39.96 -3.63 21.16
C PRO G 6 39.95 -4.13 22.62
N LYS G 7 40.03 -3.25 23.63
CA LYS G 7 39.81 -3.60 25.05
C LYS G 7 38.33 -3.83 25.26
N PRO G 8 37.89 -4.36 26.46
CA PRO G 8 36.50 -4.80 26.66
C PRO G 8 35.38 -3.82 26.31
N LEU G 9 35.39 -2.62 26.86
CA LEU G 9 34.26 -1.69 26.63
C LEU G 9 34.08 -1.35 25.10
N LEU G 10 35.17 -1.05 24.42
CA LEU G 10 35.17 -0.90 22.95
C LEU G 10 34.72 -2.16 22.16
N LEU G 11 35.25 -3.34 22.51
CA LEU G 11 34.78 -4.57 21.86
C LEU G 11 33.28 -4.67 22.06
N LYS G 12 32.76 -4.42 23.28
CA LYS G 12 31.30 -4.52 23.58
C LYS G 12 30.50 -3.58 22.62
N LEU G 13 30.90 -2.31 22.56
CA LEU G 13 30.32 -1.29 21.65
C LEU G 13 30.27 -1.72 20.18
N LEU G 14 31.42 -2.03 19.59
CA LEU G 14 31.56 -2.64 18.28
C LEU G 14 30.58 -3.85 18.03
N LYS G 15 30.48 -4.80 18.97
CA LYS G 15 29.60 -6.03 18.84
C LYS G 15 28.14 -5.68 18.88
N SER G 16 27.81 -4.60 19.58
CA SER G 16 26.45 -4.14 19.75
C SER G 16 25.91 -3.67 18.42
N VAL G 17 26.78 -3.42 17.44
CA VAL G 17 26.32 -3.22 16.07
C VAL G 17 26.75 -4.23 14.98
N GLY G 18 27.13 -5.44 15.40
CA GLY G 18 27.32 -6.57 14.50
C GLY G 18 28.77 -6.99 14.35
N ALA G 19 29.69 -6.22 14.91
CA ALA G 19 31.06 -6.71 14.95
C ALA G 19 31.10 -8.13 15.46
N GLN G 20 31.86 -8.92 14.70
CA GLN G 20 31.97 -10.37 14.98
C GLN G 20 33.31 -10.82 15.53
N LYS G 21 34.38 -10.23 15.07
CA LYS G 21 35.64 -10.82 15.42
C LYS G 21 36.14 -10.15 16.70
N ASP G 22 37.36 -10.49 17.11
CA ASP G 22 38.03 -9.82 18.21
C ASP G 22 39.24 -8.97 17.81
N THR G 23 39.64 -9.02 16.54
CA THR G 23 40.75 -8.22 16.07
C THR G 23 40.32 -7.64 14.77
N TYR G 24 40.82 -6.44 14.48
CA TYR G 24 40.36 -5.60 13.36
C TYR G 24 41.47 -4.74 12.76
N THR G 25 41.28 -4.28 11.53
CA THR G 25 42.17 -3.25 10.99
C THR G 25 41.71 -1.95 11.66
N MET G 26 42.56 -0.95 11.72
CA MET G 26 42.11 0.30 12.25
C MET G 26 40.90 0.80 11.50
N LYS G 27 40.82 0.59 10.18
CA LYS G 27 39.67 1.08 9.37
C LYS G 27 38.32 0.41 9.75
N GLU G 28 38.34 -0.91 10.04
CA GLU G 28 37.13 -1.59 10.55
C GLU G 28 36.64 -0.98 11.84
N VAL G 29 37.57 -0.66 12.74
CA VAL G 29 37.26 0.02 14.00
C VAL G 29 36.45 1.28 13.77
N LEU G 30 37.03 2.18 12.98
CA LEU G 30 36.37 3.44 12.67
C LEU G 30 35.06 3.18 11.95
N PHE G 31 34.96 2.15 11.12
CA PHE G 31 33.70 1.86 10.39
C PHE G 31 32.56 1.58 11.36
N TYR G 32 32.82 0.61 12.26
CA TYR G 32 31.88 0.19 13.25
C TYR G 32 31.58 1.27 14.30
N LEU G 33 32.55 2.15 14.61
CA LEU G 33 32.39 3.18 15.59
C LEU G 33 31.51 4.31 15.09
N GLY G 34 31.72 4.75 13.85
CA GLY G 34 30.79 5.71 13.21
C GLY G 34 29.42 5.07 13.07
N GLN G 35 29.32 3.82 12.60
CA GLN G 35 27.97 3.17 12.56
C GLN G 35 27.34 3.07 13.98
N TYR G 36 28.14 2.87 15.01
CA TYR G 36 27.56 2.88 16.40
C TYR G 36 26.91 4.27 16.71
N ILE G 37 27.65 5.30 16.44
CA ILE G 37 27.21 6.66 16.83
C ILE G 37 25.93 6.95 15.98
N MET G 38 25.90 6.46 14.76
CA MET G 38 24.71 6.72 13.92
C MET G 38 23.51 5.87 14.40
N THR G 39 23.74 4.56 14.63
CA THR G 39 22.62 3.64 14.91
C THR G 39 21.97 3.96 16.25
N LYS G 40 22.79 4.47 17.14
CA LYS G 40 22.29 4.92 18.43
C LYS G 40 21.83 6.38 18.50
N ARG G 41 21.95 7.09 17.37
CA ARG G 41 21.46 8.44 17.21
C ARG G 41 22.07 9.35 18.23
N LEU G 42 23.39 9.26 18.33
CA LEU G 42 24.13 10.08 19.30
C LEU G 42 24.68 11.41 18.81
N TYR G 43 24.48 11.69 17.54
CA TYR G 43 24.99 12.95 16.94
C TYR G 43 23.94 14.02 17.07
N ASP G 44 24.37 15.25 17.28
CA ASP G 44 23.49 16.41 17.35
C ASP G 44 22.82 16.56 16.02
N GLU G 45 21.52 16.85 16.03
CA GLU G 45 20.73 16.96 14.78
C GLU G 45 21.08 18.19 13.93
N LYS G 46 21.64 19.24 14.55
CA LYS G 46 21.86 20.48 13.80
C LYS G 46 23.34 20.89 13.59
N GLN G 47 24.19 20.48 14.52
CA GLN G 47 25.58 20.61 14.37
C GLN G 47 26.09 19.19 14.51
N GLN G 48 26.23 18.55 13.37
CA GLN G 48 26.35 17.07 13.35
C GLN G 48 27.73 16.47 13.70
N HIS G 49 28.70 17.34 13.89
CA HIS G 49 30.01 16.89 14.44
C HIS G 49 29.96 16.75 15.96
N ILE G 50 28.89 17.21 16.55
CA ILE G 50 28.69 17.07 17.98
C ILE G 50 28.04 15.72 18.29
N VAL G 51 28.76 14.94 19.09
CA VAL G 51 28.38 13.60 19.62
C VAL G 51 28.14 13.66 21.20
N TYR G 52 26.97 13.17 21.64
CA TYR G 52 26.56 13.10 23.04
C TYR G 52 26.88 11.73 23.59
N CYS G 53 27.51 11.63 24.78
CA CYS G 53 27.96 10.35 25.37
C CYS G 53 27.57 10.02 26.82
N SER G 54 26.88 10.96 27.51
CA SER G 54 26.31 10.72 28.82
C SER G 54 25.32 9.60 28.66
N ASN G 55 25.33 8.68 29.63
CA ASN G 55 24.36 7.58 29.81
C ASN G 55 24.50 6.51 28.75
N ASP G 56 25.62 6.54 28.05
CA ASP G 56 25.91 5.60 27.03
C ASP G 56 27.32 4.97 27.23
N LEU G 57 27.40 3.69 26.85
CA LEU G 57 28.69 2.93 26.76
C LEU G 57 29.93 3.72 26.17
N LEU G 58 29.70 4.66 25.24
CA LEU G 58 30.79 5.45 24.60
C LEU G 58 31.31 6.46 25.61
N GLY G 59 30.43 7.01 26.43
CA GLY G 59 30.88 7.78 27.65
C GLY G 59 31.87 7.15 28.64
N ASP G 60 31.48 5.99 29.20
CA ASP G 60 32.39 5.06 29.88
C ASP G 60 33.71 4.92 29.16
N LEU G 61 33.65 4.73 27.84
CA LEU G 61 34.85 4.50 26.97
C LEU G 61 35.79 5.65 26.87
N PHE G 62 35.22 6.80 26.52
CA PHE G 62 35.99 8.00 26.14
C PHE G 62 36.22 8.86 27.36
N GLY G 63 35.29 8.83 28.30
CA GLY G 63 35.46 9.47 29.57
C GLY G 63 34.97 10.91 29.60
N VAL G 64 34.15 11.28 28.59
CA VAL G 64 33.63 12.65 28.38
C VAL G 64 32.08 12.64 28.13
N PRO G 65 31.32 13.72 28.54
CA PRO G 65 29.87 13.86 28.23
C PRO G 65 29.51 14.14 26.74
N SER G 66 30.49 14.57 25.98
CA SER G 66 30.32 14.93 24.62
C SER G 66 31.67 15.21 23.98
N PHE G 67 31.69 15.25 22.65
CA PHE G 67 32.90 15.53 21.87
C PHE G 67 32.52 16.10 20.50
N SER G 68 33.52 16.68 19.79
CA SER G 68 33.42 17.12 18.40
C SER G 68 34.33 16.31 17.45
N VAL G 69 33.74 15.74 16.39
CA VAL G 69 34.40 14.90 15.39
C VAL G 69 35.43 15.71 14.59
N LYS G 70 35.32 17.02 14.64
CA LYS G 70 36.38 17.92 14.18
C LYS G 70 37.78 17.78 14.80
N GLU G 71 37.89 17.26 16.03
CA GLU G 71 39.15 17.29 16.79
C GLU G 71 39.72 15.89 16.57
N HIS G 72 40.24 15.68 15.36
CA HIS G 72 40.77 14.41 14.92
C HIS G 72 41.73 13.79 15.95
N ARG G 73 42.77 14.54 16.33
CA ARG G 73 43.81 13.91 17.10
C ARG G 73 43.25 13.45 18.49
N LYS G 74 42.30 14.20 19.06
CA LYS G 74 41.71 13.89 20.39
C LYS G 74 41.00 12.50 20.34
N ILE G 75 40.34 12.29 19.22
CA ILE G 75 39.45 11.13 19.04
C ILE G 75 40.30 9.91 18.76
N TYR G 76 41.31 10.03 17.87
CA TYR G 76 42.29 8.93 17.78
C TYR G 76 42.93 8.60 19.13
N THR G 77 43.29 9.60 19.95
CA THR G 77 44.04 9.32 21.20
C THR G 77 43.16 8.48 22.19
N MET G 78 41.87 8.89 22.24
CA MET G 78 40.89 8.24 23.11
C MET G 78 40.61 6.82 22.52
N ILE G 79 40.59 6.66 21.18
CA ILE G 79 40.42 5.31 20.62
C ILE G 79 41.63 4.41 20.82
N TYR G 80 42.85 4.96 20.67
CA TYR G 80 44.06 4.15 20.84
C TYR G 80 44.25 3.64 22.26
N ARG G 81 43.78 4.41 23.23
CA ARG G 81 43.85 4.02 24.63
C ARG G 81 42.78 2.94 24.95
N ASN G 82 41.97 2.51 23.99
CA ASN G 82 41.09 1.36 24.16
C ASN G 82 41.46 0.29 23.18
N LEU G 83 42.67 0.31 22.67
CA LEU G 83 43.10 -0.64 21.63
C LEU G 83 44.46 -1.12 22.01
N VAL G 84 44.71 -2.39 21.79
CA VAL G 84 46.02 -2.90 22.07
C VAL G 84 46.69 -3.16 20.72
N VAL G 85 47.77 -2.40 20.49
CA VAL G 85 48.45 -2.19 19.16
C VAL G 85 49.99 -2.52 19.23
C ACE H 1 25.33 20.52 6.61
O ACE H 1 24.70 19.45 6.51
CH3 ACE H 1 24.52 21.63 7.26
N THR H 2 26.40 20.02 7.19
CA THR H 2 27.27 18.83 6.85
C THR H 2 26.78 17.71 7.70
N SER H 3 26.63 16.54 7.11
CA SER H 3 26.25 15.33 7.86
C SER H 3 27.33 14.80 8.85
N PHE H 4 26.91 14.14 9.92
CA PHE H 4 27.85 13.31 10.70
C PHE H 4 28.68 12.31 9.85
N ALA H 5 28.02 11.64 8.90
CA ALA H 5 28.67 10.63 8.08
C ALA H 5 29.83 11.28 7.35
N GLU H 6 29.63 12.51 6.85
CA GLU H 6 30.74 13.31 6.22
C GLU H 6 31.84 13.67 7.23
N TYR H 7 31.50 14.30 8.35
CA TYR H 7 32.49 14.56 9.44
C TYR H 7 33.32 13.30 9.83
N TRP H 8 32.67 12.15 9.90
CA TRP H 8 33.28 10.90 10.31
C TRP H 8 34.25 10.33 9.28
C 9E7 H 9 35.98 10.89 6.55
S 9E7 H 9 38.57 12.86 3.58
N 9E7 H 9 33.95 10.34 8.04
CA 9E7 H 9 34.68 10.06 6.81
CB 9E7 H 9 33.76 10.25 5.59
CG 9E7 H 9 34.33 9.62 4.30
CD 9E7 H 9 35.22 10.60 3.52
CE 9E7 H 9 36.55 9.86 3.32
NZ 9E7 H 9 37.50 10.67 2.51
O 9E7 H 9 37.09 10.37 6.65
C1 9E7 H 9 38.75 11.08 3.24
N LEU H 10 35.82 12.07 7.15
CA LEU H 10 36.99 13.02 7.25
C LEU H 10 37.91 12.68 8.40
N LEU H 11 37.34 12.37 9.54
CA LEU H 11 38.17 11.89 10.59
C LEU H 11 38.86 10.55 10.20
N SER H 12 38.09 9.63 9.65
CA SER H 12 38.52 8.27 9.31
C SER H 12 39.62 8.28 8.30
N CYS H 13 39.69 9.31 7.48
CA CYS H 13 40.75 9.36 6.53
C CYS H 13 41.25 10.78 6.43
N NH2 H 14 40.68 11.82 5.94
N GLU I 1 -6.95 34.79 13.54
CA GLU I 1 -7.91 34.71 14.70
C GLU I 1 -9.30 35.14 14.26
N THR I 2 -10.32 34.50 14.82
CA THR I 2 -11.71 34.65 14.34
C THR I 2 -12.66 33.79 15.17
N LEU I 3 -13.87 34.29 15.39
CA LEU I 3 -14.77 33.76 16.43
C LEU I 3 -15.82 32.74 15.94
N VAL I 4 -16.51 32.16 16.91
CA VAL I 4 -17.53 31.15 16.65
C VAL I 4 -18.71 31.47 17.57
N ARG I 5 -19.97 31.27 17.12
CA ARG I 5 -21.12 31.61 17.92
C ARG I 5 -21.88 30.36 18.46
N PRO I 6 -21.69 30.04 19.77
CA PRO I 6 -22.37 28.87 20.29
C PRO I 6 -23.92 28.98 20.22
N LYS I 7 -24.60 27.91 19.79
CA LYS I 7 -26.08 27.75 19.88
C LYS I 7 -26.48 27.84 21.39
N PRO I 8 -27.71 28.31 21.70
CA PRO I 8 -28.20 28.47 23.07
C PRO I 8 -27.79 27.46 24.13
N LEU I 9 -27.91 26.15 23.89
CA LEU I 9 -27.54 25.13 24.91
C LEU I 9 -26.04 25.01 25.15
N LEU I 10 -25.26 25.15 24.08
CA LEU I 10 -23.84 25.12 24.26
C LEU I 10 -23.42 26.37 25.03
N LEU I 11 -23.96 27.53 24.67
CA LEU I 11 -23.72 28.72 25.45
C LEU I 11 -24.12 28.61 26.94
N LYS I 12 -25.27 28.04 27.22
CA LYS I 12 -25.67 27.73 28.61
C LYS I 12 -24.58 26.90 29.30
N LEU I 13 -24.03 25.90 28.61
CA LEU I 13 -23.07 24.98 29.20
C LEU I 13 -21.77 25.76 29.55
N LEU I 14 -21.22 26.40 28.53
CA LEU I 14 -20.09 27.31 28.67
C LEU I 14 -20.26 28.29 29.83
N LYS I 15 -21.37 28.98 29.84
CA LYS I 15 -21.61 29.94 30.90
C LYS I 15 -21.74 29.39 32.34
N SER I 16 -22.17 28.15 32.50
CA SER I 16 -22.37 27.60 33.81
C SER I 16 -20.99 27.27 34.45
N VAL I 17 -19.91 27.28 33.67
CA VAL I 17 -18.55 27.26 34.25
C VAL I 17 -17.77 28.57 34.18
N GLY I 18 -18.48 29.70 34.09
CA GLY I 18 -17.85 31.01 34.18
C GLY I 18 -17.44 31.67 32.88
N ALA I 19 -17.88 31.14 31.73
CA ALA I 19 -17.74 31.83 30.41
C ALA I 19 -18.60 33.06 30.41
N GLN I 20 -18.23 34.06 29.63
CA GLN I 20 -19.00 35.30 29.74
C GLN I 20 -19.28 36.08 28.44
N LYS I 21 -18.76 35.60 27.33
CA LYS I 21 -19.02 36.21 26.05
C LYS I 21 -20.08 35.42 25.28
N ASP I 22 -20.54 36.03 24.19
CA ASP I 22 -21.35 35.35 23.17
C ASP I 22 -20.52 34.75 21.99
N THR I 23 -19.27 35.23 21.81
CA THR I 23 -18.32 34.79 20.77
C THR I 23 -16.93 34.42 21.34
N TYR I 24 -16.37 33.30 20.87
CA TYR I 24 -15.08 32.71 21.35
C TYR I 24 -14.31 32.17 20.16
N THR I 25 -13.03 31.91 20.37
CA THR I 25 -12.27 31.06 19.46
C THR I 25 -12.52 29.54 19.70
N MET I 26 -12.19 28.72 18.72
CA MET I 26 -12.39 27.30 18.88
C MET I 26 -11.64 26.78 20.08
N LYS I 27 -10.41 27.23 20.23
CA LYS I 27 -9.60 26.86 21.40
C LYS I 27 -10.32 27.30 22.72
N GLU I 28 -10.85 28.49 22.80
CA GLU I 28 -11.72 28.90 23.97
C GLU I 28 -12.95 27.97 24.34
N VAL I 29 -13.71 27.57 23.32
CA VAL I 29 -14.78 26.63 23.39
C VAL I 29 -14.27 25.26 23.90
N LEU I 30 -13.16 24.78 23.38
CA LEU I 30 -12.65 23.49 23.84
C LEU I 30 -12.27 23.58 25.33
N PHE I 31 -11.67 24.71 25.74
CA PHE I 31 -11.15 24.86 27.10
C PHE I 31 -12.32 24.85 28.06
N TYR I 32 -13.35 25.67 27.77
CA TYR I 32 -14.51 25.73 28.64
C TYR I 32 -15.34 24.42 28.73
N LEU I 33 -15.39 23.67 27.63
CA LEU I 33 -16.15 22.44 27.53
C LEU I 33 -15.42 21.31 28.25
N GLY I 34 -14.08 21.31 28.17
CA GLY I 34 -13.22 20.37 28.94
C GLY I 34 -13.45 20.63 30.44
N GLN I 35 -13.43 21.90 30.78
CA GLN I 35 -13.61 22.35 32.15
C GLN I 35 -14.95 21.95 32.69
N TYR I 36 -15.98 22.16 31.89
CA TYR I 36 -17.36 21.75 32.26
C TYR I 36 -17.43 20.25 32.53
N ILE I 37 -16.88 19.43 31.67
CA ILE I 37 -16.88 17.97 31.88
C ILE I 37 -16.26 17.51 33.22
N MET I 38 -15.08 18.03 33.51
CA MET I 38 -14.42 17.72 34.79
C MET I 38 -15.16 18.37 35.96
N THR I 39 -15.60 19.63 35.83
CA THR I 39 -16.36 20.27 36.92
C THR I 39 -17.68 19.50 37.34
N LYS I 40 -18.39 18.93 36.37
CA LYS I 40 -19.59 18.09 36.64
C LYS I 40 -19.26 16.61 36.75
N ARG I 41 -17.96 16.28 36.59
CA ARG I 41 -17.37 14.93 36.87
C ARG I 41 -18.01 13.85 36.02
N LEU I 42 -18.16 14.22 34.74
CA LEU I 42 -18.83 13.36 33.72
C LEU I 42 -17.97 12.26 33.14
N TYR I 43 -16.68 12.21 33.52
CA TYR I 43 -15.75 11.19 33.01
C TYR I 43 -15.78 9.97 33.86
N ASP I 44 -15.44 8.89 33.20
CA ASP I 44 -15.41 7.63 33.89
C ASP I 44 -14.10 7.56 34.69
N GLU I 45 -14.13 6.99 35.90
CA GLU I 45 -12.96 6.86 36.81
C GLU I 45 -11.76 6.05 36.25
N LYS I 46 -12.06 4.94 35.60
CA LYS I 46 -10.97 4.03 35.20
C LYS I 46 -10.64 4.03 33.72
N GLN I 47 -11.60 4.41 32.86
CA GLN I 47 -11.38 4.60 31.43
C GLN I 47 -11.80 6.02 31.12
N GLN I 48 -10.89 6.95 31.43
CA GLN I 48 -11.28 8.39 31.51
C GLN I 48 -11.56 9.15 30.20
N HIS I 49 -11.33 8.50 29.07
CA HIS I 49 -11.77 9.05 27.76
C HIS I 49 -13.31 8.95 27.59
N ILE I 50 -13.92 8.07 28.39
CA ILE I 50 -15.39 7.90 28.36
C ILE I 50 -16.06 8.97 29.24
N VAL I 51 -17.02 9.62 28.63
CA VAL I 51 -17.85 10.59 29.23
C VAL I 51 -19.33 10.23 29.21
N TYR I 52 -20.00 10.28 30.39
CA TYR I 52 -21.47 10.08 30.53
C TYR I 52 -22.24 11.39 30.42
N CYS I 53 -23.12 11.47 29.49
CA CYS I 53 -23.91 12.68 29.43
C CYS I 53 -25.42 12.42 29.42
N SER I 54 -25.83 11.21 29.83
CA SER I 54 -27.22 10.92 30.03
C SER I 54 -27.70 11.79 31.19
N ASN I 55 -28.82 12.49 31.01
CA ASN I 55 -29.47 13.22 32.12
C ASN I 55 -28.54 14.36 32.47
N ASP I 56 -27.72 14.77 31.49
CA ASP I 56 -26.94 16.00 31.55
C ASP I 56 -27.39 16.83 30.35
N LEU I 57 -27.23 18.15 30.45
CA LEU I 57 -27.34 19.05 29.27
C LEU I 57 -26.33 18.84 28.21
N LEU I 58 -25.10 18.44 28.56
CA LEU I 58 -24.22 17.93 27.53
C LEU I 58 -24.84 16.78 26.67
N GLY I 59 -25.56 15.85 27.28
CA GLY I 59 -26.34 14.84 26.50
C GLY I 59 -27.45 15.37 25.61
N ASP I 60 -28.12 16.43 26.08
CA ASP I 60 -29.14 17.15 25.30
C ASP I 60 -28.58 17.89 24.10
N LEU I 61 -27.32 18.27 24.24
CA LEU I 61 -26.51 19.04 23.29
C LEU I 61 -25.96 18.18 22.16
N PHE I 62 -25.43 17.03 22.57
CA PHE I 62 -24.67 16.13 21.73
C PHE I 62 -25.56 15.06 21.12
N GLY I 63 -26.66 14.71 21.77
CA GLY I 63 -27.60 13.72 21.22
C GLY I 63 -27.24 12.28 21.51
N VAL I 64 -26.26 12.08 22.40
CA VAL I 64 -25.76 10.76 22.79
C VAL I 64 -25.77 10.63 24.36
N PRO I 65 -25.82 9.38 24.86
CA PRO I 65 -25.77 9.11 26.33
C PRO I 65 -24.38 9.12 26.91
N SER I 66 -23.44 8.64 26.11
CA SER I 66 -22.00 8.71 26.34
C SER I 66 -21.23 8.90 25.03
N PHE I 67 -19.96 9.14 25.21
CA PHE I 67 -19.03 9.21 24.09
C PHE I 67 -17.60 8.98 24.53
N SER I 68 -16.68 8.92 23.59
CA SER I 68 -15.28 8.74 23.99
C SER I 68 -14.50 9.81 23.30
N VAL I 69 -13.59 10.38 24.08
CA VAL I 69 -12.78 11.48 23.70
C VAL I 69 -11.81 11.09 22.58
N LYS I 70 -11.40 9.82 22.46
CA LYS I 70 -10.43 9.40 21.48
C LYS I 70 -11.01 9.51 20.04
N GLU I 71 -12.35 9.48 19.91
CA GLU I 71 -13.03 9.55 18.59
C GLU I 71 -13.05 11.02 18.22
N HIS I 72 -11.92 11.52 17.77
CA HIS I 72 -11.78 12.96 17.54
C HIS I 72 -12.76 13.54 16.54
N ARG I 73 -12.79 13.00 15.29
CA ARG I 73 -13.77 13.47 14.29
C ARG I 73 -15.21 13.55 14.82
N LYS I 74 -15.71 12.49 15.47
CA LYS I 74 -17.11 12.48 15.93
C LYS I 74 -17.32 13.58 16.99
N ILE I 75 -16.30 13.81 17.82
CA ILE I 75 -16.46 14.80 18.90
C ILE I 75 -16.43 16.15 18.26
N TYR I 76 -15.52 16.37 17.33
CA TYR I 76 -15.58 17.71 16.62
C TYR I 76 -16.94 18.00 15.88
N THR I 77 -17.42 16.98 15.18
CA THR I 77 -18.70 17.01 14.45
C THR I 77 -19.87 17.41 15.38
N MET I 78 -19.85 16.86 16.59
CA MET I 78 -20.91 17.15 17.56
C MET I 78 -20.77 18.55 18.08
N ILE I 79 -19.51 19.00 18.22
CA ILE I 79 -19.22 20.37 18.68
C ILE I 79 -19.64 21.37 17.58
N TYR I 80 -19.34 21.04 16.32
CA TYR I 80 -19.62 21.96 15.21
C TYR I 80 -21.11 22.05 14.94
N ARG I 81 -21.84 21.00 15.28
CA ARG I 81 -23.30 21.06 15.14
C ARG I 81 -23.94 22.11 16.10
N ASN I 82 -23.29 22.36 17.25
CA ASN I 82 -23.75 23.37 18.22
C ASN I 82 -23.01 24.71 18.19
N LEU I 83 -22.38 25.00 17.05
CA LEU I 83 -21.82 26.31 16.77
C LEU I 83 -22.31 26.86 15.44
N VAL I 84 -22.36 28.19 15.39
CA VAL I 84 -22.41 28.96 14.15
C VAL I 84 -21.05 29.61 13.90
N VAL I 85 -20.48 29.26 12.78
CA VAL I 85 -19.24 29.80 12.30
C VAL I 85 -19.30 30.13 10.80
C ACE J 1 -4.20 6.49 32.90
O ACE J 1 -3.80 7.49 33.56
CH3 ACE J 1 -3.27 5.28 32.85
N THR J 2 -4.49 6.99 31.73
CA THR J 2 -4.45 8.33 31.08
C THR J 2 -5.67 9.08 31.65
N SER J 3 -5.40 10.31 32.14
N SER J 3 -5.42 10.31 32.11
CA SER J 3 -6.37 11.28 32.67
CA SER J 3 -6.46 11.19 32.66
C SER J 3 -7.35 11.77 31.60
C SER J 3 -7.40 11.70 31.58
N PHE J 4 -8.59 12.10 31.98
CA PHE J 4 -9.45 12.80 31.07
C PHE J 4 -8.74 14.09 30.56
N ALA J 5 -7.91 14.68 31.42
CA ALA J 5 -7.29 15.97 31.09
C ALA J 5 -6.43 15.82 29.87
N GLU J 6 -5.65 14.75 29.87
CA GLU J 6 -4.71 14.45 28.81
C GLU J 6 -5.43 14.07 27.55
N TYR J 7 -6.44 13.18 27.64
CA TYR J 7 -7.26 12.84 26.46
C TYR J 7 -7.84 14.09 25.88
N TRP J 8 -8.43 14.93 26.71
CA TRP J 8 -9.03 16.16 26.20
C TRP J 8 -8.00 17.00 25.46
C 9E7 J 9 -5.09 17.49 24.09
S 9E7 J 9 -0.21 17.23 23.47
N 9E7 J 9 -6.78 17.12 25.82
CA 9E7 J 9 -5.73 17.98 25.42
CB 9E7 J 9 -4.64 18.06 26.49
CG 9E7 J 9 -3.68 19.14 25.96
CD 9E7 J 9 -2.50 19.52 26.82
CE 9E7 J 9 -1.36 20.06 25.94
NZ 9E7 J 9 -0.63 18.92 25.32
O 9E7 J 9 -5.43 18.07 23.10
C1 9E7 J 9 -0.41 18.99 23.87
N LEU J 10 -5.30 16.20 23.89
CA LEU J 10 -5.01 15.56 22.57
C LEU J 10 -6.14 15.80 21.55
N LEU J 11 -7.39 15.71 22.03
CA LEU J 11 -8.56 16.19 21.26
C LEU J 11 -8.21 17.54 20.66
N SER J 12 -7.49 18.42 21.32
CA SER J 12 -6.78 19.37 20.40
C SER J 12 -5.26 19.36 20.28
N CYS J 13 -4.54 19.84 21.28
CA CYS J 13 -3.20 20.41 21.02
C CYS J 13 -2.31 19.55 20.14
N NH2 J 14 -1.58 18.49 20.12
N GLU K 1 -15.73 -8.19 -5.66
CA GLU K 1 -16.73 -7.40 -6.45
C GLU K 1 -18.09 -8.10 -6.26
N THR K 2 -18.33 -9.17 -7.03
CA THR K 2 -19.52 -10.04 -6.91
C THR K 2 -19.13 -11.49 -6.62
N LEU K 3 -20.02 -12.18 -5.90
CA LEU K 3 -19.67 -13.33 -5.07
C LEU K 3 -20.52 -14.60 -5.31
N VAL K 4 -20.13 -15.65 -4.61
CA VAL K 4 -20.38 -17.02 -5.05
C VAL K 4 -20.67 -17.89 -3.81
N ARG K 5 -21.07 -19.13 -4.02
CA ARG K 5 -21.71 -19.85 -2.92
C ARG K 5 -21.57 -21.29 -3.18
N PRO K 6 -20.63 -21.92 -2.47
CA PRO K 6 -20.36 -23.31 -2.74
C PRO K 6 -21.59 -24.22 -2.51
N LYS K 7 -21.64 -25.21 -3.38
CA LYS K 7 -22.69 -26.20 -3.42
C LYS K 7 -22.28 -27.19 -2.37
N PRO K 8 -23.07 -28.28 -2.23
CA PRO K 8 -22.77 -29.39 -1.33
C PRO K 8 -21.31 -29.76 -1.07
N LEU K 9 -20.68 -30.44 -2.02
CA LEU K 9 -19.42 -31.13 -1.73
C LEU K 9 -18.30 -30.09 -1.47
N LEU K 10 -18.33 -28.97 -2.22
CA LEU K 10 -17.28 -27.95 -2.14
C LEU K 10 -17.29 -27.27 -0.81
N LEU K 11 -18.48 -27.11 -0.24
CA LEU K 11 -18.58 -26.42 1.03
C LEU K 11 -17.83 -27.19 2.09
N LYS K 12 -18.12 -28.49 2.26
CA LYS K 12 -17.38 -29.39 3.16
C LYS K 12 -15.86 -29.38 2.91
N LEU K 13 -15.43 -29.29 1.65
CA LEU K 13 -13.96 -29.18 1.30
C LEU K 13 -13.27 -27.84 1.71
N LEU K 14 -13.88 -26.74 1.29
CA LEU K 14 -13.36 -25.44 1.75
C LEU K 14 -13.43 -25.42 3.29
N LYS K 15 -14.41 -26.07 3.89
CA LYS K 15 -14.47 -25.98 5.38
C LYS K 15 -13.48 -26.85 6.10
N SER K 16 -13.06 -27.94 5.44
CA SER K 16 -12.21 -28.97 6.03
C SER K 16 -10.78 -28.49 6.12
N VAL K 17 -10.47 -27.37 5.46
CA VAL K 17 -9.27 -26.56 5.75
C VAL K 17 -9.58 -25.18 6.36
N GLY K 18 -10.72 -25.07 7.05
CA GLY K 18 -11.13 -23.86 7.81
C GLY K 18 -12.30 -22.94 7.40
N ALA K 19 -12.60 -22.80 6.11
CA ALA K 19 -13.26 -21.57 5.58
C ALA K 19 -14.60 -21.17 6.25
N GLN K 20 -14.59 -20.24 7.22
CA GLN K 20 -15.72 -20.12 8.18
C GLN K 20 -17.01 -19.45 7.64
N LYS K 21 -17.26 -19.55 6.33
CA LYS K 21 -18.38 -18.83 5.69
C LYS K 21 -19.21 -19.63 4.63
N ASP K 22 -20.36 -19.10 4.26
CA ASP K 22 -21.25 -19.80 3.34
C ASP K 22 -21.12 -19.31 1.93
N THR K 23 -20.57 -18.08 1.82
CA THR K 23 -20.49 -17.28 0.60
C THR K 23 -19.09 -16.66 0.50
N TYR K 24 -18.57 -16.66 -0.72
CA TYR K 24 -17.17 -16.42 -0.98
C TYR K 24 -17.03 -15.62 -2.26
N THR K 25 -15.92 -14.91 -2.41
CA THR K 25 -15.50 -14.32 -3.69
C THR K 25 -14.67 -15.42 -4.40
N MET K 26 -14.59 -15.34 -5.73
CA MET K 26 -13.92 -16.38 -6.49
C MET K 26 -12.49 -16.53 -6.01
N LYS K 27 -11.81 -15.41 -5.78
CA LYS K 27 -10.42 -15.37 -5.27
C LYS K 27 -10.15 -16.30 -4.11
N GLU K 28 -11.06 -16.32 -3.13
CA GLU K 28 -10.78 -17.08 -1.90
C GLU K 28 -11.17 -18.49 -2.01
N VAL K 29 -12.24 -18.78 -2.75
CA VAL K 29 -12.48 -20.22 -3.06
C VAL K 29 -11.32 -20.78 -3.83
N LEU K 30 -10.63 -19.93 -4.60
CA LEU K 30 -9.42 -20.35 -5.29
C LEU K 30 -8.26 -20.42 -4.28
N PHE K 31 -8.26 -19.54 -3.30
CA PHE K 31 -7.13 -19.55 -2.35
C PHE K 31 -7.19 -20.86 -1.49
N TYR K 32 -8.34 -21.05 -0.83
CA TYR K 32 -8.69 -22.24 -0.06
C TYR K 32 -8.68 -23.56 -0.85
N LEU K 33 -9.10 -23.59 -2.09
CA LEU K 33 -9.06 -24.87 -2.86
C LEU K 33 -7.62 -25.39 -3.10
N GLY K 34 -6.77 -24.45 -3.44
CA GLY K 34 -5.36 -24.71 -3.68
C GLY K 34 -4.74 -25.22 -2.40
N GLN K 35 -5.10 -24.55 -1.30
CA GLN K 35 -4.48 -24.84 -0.04
C GLN K 35 -4.87 -26.23 0.45
N TYR K 36 -6.07 -26.67 0.06
CA TYR K 36 -6.57 -28.04 0.43
C TYR K 36 -5.70 -29.13 -0.16
N ILE K 37 -5.49 -29.01 -1.48
CA ILE K 37 -4.69 -29.92 -2.34
C ILE K 37 -3.27 -30.05 -1.79
N MET K 38 -2.69 -28.88 -1.47
CA MET K 38 -1.42 -28.84 -0.72
C MET K 38 -1.44 -29.50 0.66
N THR K 39 -2.46 -29.15 1.45
CA THR K 39 -2.60 -29.69 2.74
C THR K 39 -2.79 -31.16 2.71
N LYS K 40 -3.55 -31.64 1.71
CA LYS K 40 -3.91 -33.04 1.61
C LYS K 40 -2.84 -33.78 0.82
N ARG K 41 -1.89 -33.07 0.15
CA ARG K 41 -0.64 -33.65 -0.41
C ARG K 41 -1.01 -34.47 -1.66
N LEU K 42 -1.79 -33.84 -2.54
CA LEU K 42 -2.48 -34.60 -3.59
C LEU K 42 -1.66 -34.49 -4.85
N TYR K 43 -0.71 -33.57 -4.86
CA TYR K 43 -0.02 -33.20 -6.08
C TYR K 43 1.18 -34.11 -6.27
N ASP K 44 1.58 -34.33 -7.53
CA ASP K 44 2.70 -35.21 -7.75
C ASP K 44 3.97 -34.45 -7.43
N GLU K 45 4.92 -35.20 -6.89
CA GLU K 45 6.17 -34.67 -6.35
C GLU K 45 7.21 -34.17 -7.38
N LYS K 46 7.46 -34.90 -8.47
CA LYS K 46 8.75 -34.61 -9.23
C LYS K 46 8.82 -33.18 -9.88
N GLN K 47 7.62 -32.69 -10.16
CA GLN K 47 7.22 -31.39 -10.66
C GLN K 47 5.74 -31.62 -10.31
N GLN K 48 4.83 -30.65 -10.48
CA GLN K 48 3.58 -30.61 -9.67
C GLN K 48 2.38 -29.87 -10.34
N HIS K 49 2.11 -30.13 -11.63
CA HIS K 49 0.76 -29.76 -12.22
C HIS K 49 -0.37 -30.86 -12.15
N ILE K 50 -0.01 -32.00 -11.60
CA ILE K 50 -0.89 -33.15 -11.53
C ILE K 50 -1.33 -33.32 -10.13
N VAL K 51 -2.63 -33.59 -9.98
CA VAL K 51 -3.27 -33.63 -8.72
C VAL K 51 -4.14 -34.89 -8.76
N TYR K 52 -3.75 -35.81 -7.85
CA TYR K 52 -4.49 -36.99 -7.42
C TYR K 52 -5.91 -36.54 -7.11
N CYS K 53 -7.01 -37.07 -7.70
CA CYS K 53 -8.34 -36.87 -7.04
C CYS K 53 -8.98 -38.15 -6.39
N SER K 54 -8.88 -39.32 -7.03
CA SER K 54 -9.77 -40.44 -6.60
C SER K 54 -9.42 -41.09 -5.25
N ASN K 55 -10.46 -41.62 -4.59
CA ASN K 55 -10.52 -41.88 -3.13
C ASN K 55 -10.29 -40.61 -2.26
N ASP K 56 -10.81 -39.51 -2.75
CA ASP K 56 -10.73 -38.28 -2.04
C ASP K 56 -11.89 -37.41 -2.36
N LEU K 57 -12.28 -36.63 -1.35
CA LEU K 57 -13.43 -35.78 -1.48
C LEU K 57 -13.29 -34.92 -2.80
N LEU K 58 -12.07 -34.47 -3.12
CA LEU K 58 -11.84 -33.65 -4.33
C LEU K 58 -12.16 -34.39 -5.64
N GLY K 59 -11.92 -35.71 -5.67
CA GLY K 59 -12.35 -36.53 -6.84
C GLY K 59 -13.84 -36.49 -7.09
N ASP K 60 -14.59 -36.56 -6.01
CA ASP K 60 -16.05 -36.55 -6.04
C ASP K 60 -16.70 -35.19 -6.33
N LEU K 61 -16.07 -34.08 -5.91
CA LEU K 61 -16.37 -32.71 -6.43
C LEU K 61 -16.42 -32.61 -7.98
N PHE K 62 -15.33 -33.10 -8.53
CA PHE K 62 -14.94 -32.89 -9.92
C PHE K 62 -15.32 -34.04 -10.86
N GLY K 63 -15.31 -35.27 -10.36
CA GLY K 63 -15.66 -36.45 -11.19
C GLY K 63 -14.53 -36.94 -12.10
N VAL K 64 -13.33 -36.38 -11.89
CA VAL K 64 -12.14 -36.73 -12.69
C VAL K 64 -10.90 -37.07 -11.84
N PRO K 65 -10.72 -38.39 -11.49
CA PRO K 65 -9.67 -39.12 -10.73
C PRO K 65 -8.23 -38.59 -10.80
N SER K 66 -7.98 -37.71 -11.76
CA SER K 66 -7.03 -36.59 -11.57
C SER K 66 -7.25 -35.41 -12.57
N PHE K 67 -6.35 -34.43 -12.52
CA PHE K 67 -6.34 -33.37 -13.51
C PHE K 67 -4.98 -32.72 -13.56
N SER K 68 -4.73 -31.97 -14.62
CA SER K 68 -3.55 -31.10 -14.67
C SER K 68 -3.99 -29.68 -14.51
N VAL K 69 -3.47 -29.02 -13.51
CA VAL K 69 -3.76 -27.59 -13.32
C VAL K 69 -3.41 -26.69 -14.47
N LYS K 70 -2.71 -27.22 -15.46
CA LYS K 70 -2.51 -26.51 -16.70
C LYS K 70 -3.80 -26.31 -17.46
N GLU K 71 -4.82 -27.15 -17.26
CA GLU K 71 -5.97 -26.98 -18.12
C GLU K 71 -6.97 -25.99 -17.48
N HIS K 72 -6.68 -24.70 -17.52
CA HIS K 72 -7.52 -23.67 -16.81
C HIS K 72 -9.05 -23.74 -16.96
N ARG K 73 -9.53 -23.70 -18.20
CA ARG K 73 -10.96 -23.70 -18.45
C ARG K 73 -11.58 -25.01 -17.90
N LYS K 74 -10.97 -26.16 -18.19
CA LYS K 74 -11.40 -27.45 -17.59
C LYS K 74 -11.73 -27.42 -16.05
N ILE K 75 -10.79 -26.91 -15.25
CA ILE K 75 -10.88 -26.88 -13.79
C ILE K 75 -11.91 -25.87 -13.37
N TYR K 76 -11.92 -24.74 -14.09
CA TYR K 76 -12.87 -23.67 -13.85
C TYR K 76 -14.32 -24.07 -14.21
N THR K 77 -14.47 -24.93 -15.22
CA THR K 77 -15.77 -25.59 -15.53
C THR K 77 -16.28 -26.50 -14.38
N MET K 78 -15.35 -27.23 -13.75
CA MET K 78 -15.66 -28.14 -12.63
C MET K 78 -16.02 -27.32 -11.37
N ILE K 79 -15.26 -26.27 -11.11
CA ILE K 79 -15.55 -25.41 -9.93
C ILE K 79 -16.93 -24.73 -9.99
N TYR K 80 -17.12 -23.80 -10.96
CA TYR K 80 -18.43 -23.26 -11.38
C TYR K 80 -19.65 -24.28 -11.48
N ARG K 81 -19.45 -25.52 -11.98
CA ARG K 81 -20.48 -26.59 -11.88
C ARG K 81 -20.93 -26.70 -10.43
N ASN K 82 -19.96 -26.58 -9.51
CA ASN K 82 -20.19 -26.59 -8.06
C ASN K 82 -20.38 -25.25 -7.32
N LEU K 83 -20.85 -24.24 -8.07
CA LEU K 83 -21.33 -23.00 -7.57
C LEU K 83 -22.55 -22.60 -8.39
N VAL K 84 -23.59 -22.10 -7.69
CA VAL K 84 -24.69 -21.31 -8.28
C VAL K 84 -24.25 -19.85 -8.38
N VAL K 85 -23.77 -19.54 -9.57
CA VAL K 85 -23.54 -18.19 -10.04
C VAL K 85 -24.04 -18.16 -11.52
C ACE L 1 10.08 -26.60 -11.43
O ACE L 1 10.26 -26.38 -10.20
CH3 ACE L 1 10.67 -27.90 -11.97
N THR L 2 8.80 -26.71 -11.70
CA THR L 2 7.81 -25.64 -11.27
C THR L 2 7.00 -26.27 -10.16
N SER L 3 6.64 -25.43 -9.21
CA SER L 3 5.93 -25.84 -8.04
C SER L 3 4.42 -25.79 -8.24
N PHE L 4 3.73 -26.60 -7.44
CA PHE L 4 2.24 -26.65 -7.42
C PHE L 4 1.51 -25.26 -7.27
N ALA L 5 1.61 -24.57 -6.14
CA ALA L 5 1.22 -23.15 -6.00
C ALA L 5 1.63 -22.23 -7.15
N GLU L 6 2.82 -22.42 -7.74
CA GLU L 6 3.18 -21.56 -8.91
C GLU L 6 2.22 -21.84 -10.09
N TYR L 7 2.01 -23.11 -10.45
CA TYR L 7 0.90 -23.44 -11.37
C TYR L 7 -0.47 -22.90 -10.87
N TRP L 8 -0.72 -23.06 -9.57
CA TRP L 8 -2.04 -22.80 -8.98
C TRP L 8 -2.30 -21.28 -8.92
C 9E7 L 9 -1.30 -18.31 -10.42
S 9E7 L 9 -0.56 -15.10 -12.60
N 9E7 L 9 -1.26 -20.45 -8.92
CA 9E7 L 9 -1.20 -18.96 -8.98
CB 9E7 L 9 0.03 -18.25 -8.39
CG 9E7 L 9 -0.15 -16.69 -8.25
CD 9E7 L 9 0.75 -15.79 -9.14
CE 9E7 L 9 0.47 -14.27 -9.08
NZ 9E7 L 9 0.40 -13.69 -10.46
O 9E7 L 9 -2.36 -17.73 -10.70
C1 9E7 L 9 -0.87 -14.04 -11.14
N LEU L 10 -0.88 -19.26 -11.27
CA LEU L 10 -1.19 -18.98 -12.70
C LEU L 10 -2.68 -19.10 -13.01
N LEU L 11 -3.42 -19.93 -12.29
CA LEU L 11 -4.91 -19.91 -12.40
C LEU L 11 -5.75 -18.60 -12.64
N SER L 12 -5.26 -17.39 -12.31
CA SER L 12 -5.99 -16.09 -12.56
C SER L 12 -5.18 -14.82 -12.25
N CYS L 13 -5.45 -14.21 -11.08
CA CYS L 13 -4.75 -13.03 -10.54
C CYS L 13 -4.43 -11.89 -11.52
N NH2 L 14 -3.47 -11.76 -12.35
N GLU M 1 -32.36 35.46 -10.09
CA GLU M 1 -32.40 34.51 -11.24
C GLU M 1 -33.46 33.46 -10.87
N THR M 2 -33.68 32.52 -11.78
CA THR M 2 -34.76 31.57 -11.65
C THR M 2 -34.28 30.38 -10.88
N LEU M 3 -35.12 29.94 -9.95
CA LEU M 3 -34.97 28.71 -9.18
C LEU M 3 -35.71 27.40 -9.70
N VAL M 4 -34.88 26.57 -10.31
CA VAL M 4 -35.26 25.30 -10.92
C VAL M 4 -35.64 24.29 -9.80
N ARG M 5 -36.69 23.49 -10.04
CA ARG M 5 -37.19 22.48 -9.12
C ARG M 5 -36.71 21.09 -9.52
N PRO M 6 -35.81 20.49 -8.72
CA PRO M 6 -35.48 19.06 -8.98
C PRO M 6 -36.67 18.11 -8.87
N LYS M 7 -36.69 17.22 -9.84
CA LYS M 7 -37.77 16.28 -9.99
C LYS M 7 -37.33 15.13 -9.07
N PRO M 8 -38.06 14.01 -9.04
CA PRO M 8 -37.85 12.79 -8.29
C PRO M 8 -36.45 12.25 -7.84
N LEU M 9 -35.87 11.35 -8.61
CA LEU M 9 -34.59 10.80 -8.27
C LEU M 9 -33.57 11.96 -7.99
N LEU M 10 -33.63 13.09 -8.73
CA LEU M 10 -32.55 14.07 -8.67
C LEU M 10 -32.49 14.79 -7.32
N LEU M 11 -33.66 15.15 -6.77
CA LEU M 11 -33.76 15.81 -5.47
C LEU M 11 -33.06 14.95 -4.38
N LYS M 12 -33.36 13.64 -4.39
CA LYS M 12 -32.87 12.58 -3.46
C LYS M 12 -31.35 12.33 -3.53
N LEU M 13 -30.78 12.53 -4.72
CA LEU M 13 -29.34 12.43 -4.95
C LEU M 13 -28.52 13.63 -4.40
N LEU M 14 -29.11 14.84 -4.48
CA LEU M 14 -28.48 16.12 -4.04
C LEU M 14 -28.55 16.16 -2.52
N LYS M 15 -29.69 15.70 -2.04
CA LYS M 15 -29.87 15.60 -0.61
C LYS M 15 -28.93 14.61 -0.06
N SER M 16 -28.73 13.50 -0.80
CA SER M 16 -27.80 12.45 -0.38
C SER M 16 -26.52 13.08 0.11
N VAL M 17 -26.12 14.19 -0.54
CA VAL M 17 -24.84 14.87 -0.23
C VAL M 17 -24.94 16.22 0.49
N GLY M 18 -26.09 16.55 1.06
CA GLY M 18 -26.15 17.73 1.91
C GLY M 18 -27.05 18.91 1.57
N ALA M 19 -27.04 19.35 0.31
CA ALA M 19 -28.11 20.20 -0.25
C ALA M 19 -29.39 20.26 0.62
N GLN M 20 -29.89 21.48 0.90
CA GLN M 20 -30.95 21.65 1.88
C GLN M 20 -32.31 22.22 1.41
N LYS M 21 -32.50 22.46 0.10
CA LYS M 21 -33.70 23.17 -0.37
C LYS M 21 -34.48 22.33 -1.44
N ASP M 22 -35.71 22.80 -1.72
CA ASP M 22 -36.62 22.27 -2.82
C ASP M 22 -36.31 22.89 -4.23
N THR M 23 -35.72 24.10 -4.24
CA THR M 23 -35.29 24.71 -5.47
C THR M 23 -33.87 25.34 -5.35
N TYR M 24 -33.22 25.49 -6.50
CA TYR M 24 -31.81 25.92 -6.59
C TYR M 24 -31.56 26.72 -7.88
N THR M 25 -30.47 27.50 -7.96
CA THR M 25 -29.86 28.03 -9.25
C THR M 25 -29.37 26.77 -10.06
N MET M 26 -29.34 26.92 -11.38
CA MET M 26 -28.86 25.82 -12.21
C MET M 26 -27.42 25.55 -11.80
N LYS M 27 -26.67 26.62 -11.51
CA LYS M 27 -25.31 26.50 -11.01
C LYS M 27 -25.13 25.61 -9.75
N GLU M 28 -26.02 25.76 -8.76
CA GLU M 28 -26.16 24.87 -7.55
C GLU M 28 -26.56 23.43 -7.81
N VAL M 29 -27.49 23.22 -8.74
CA VAL M 29 -27.61 21.88 -9.24
C VAL M 29 -26.24 21.31 -9.68
N LEU M 30 -25.40 22.10 -10.35
CA LEU M 30 -24.20 21.56 -10.93
C LEU M 30 -23.16 21.23 -9.86
N PHE M 31 -23.01 22.12 -8.87
CA PHE M 31 -22.04 21.87 -7.77
C PHE M 31 -22.37 20.56 -6.97
N TYR M 32 -23.64 20.42 -6.49
CA TYR M 32 -24.07 19.27 -5.72
C TYR M 32 -24.13 17.97 -6.54
N LEU M 33 -24.57 18.06 -7.78
CA LEU M 33 -24.42 16.92 -8.64
C LEU M 33 -22.94 16.50 -8.74
N GLY M 34 -22.06 17.37 -9.24
CA GLY M 34 -20.60 16.96 -9.37
C GLY M 34 -20.14 16.36 -8.02
N GLN M 35 -20.56 17.06 -6.96
CA GLN M 35 -20.24 16.68 -5.55
C GLN M 35 -20.58 15.19 -5.33
N TYR M 36 -21.79 14.81 -5.78
CA TYR M 36 -22.33 13.48 -5.57
C TYR M 36 -21.52 12.41 -6.25
N ILE M 37 -21.11 12.71 -7.51
CA ILE M 37 -20.32 11.84 -8.42
C ILE M 37 -18.94 11.69 -7.85
N MET M 38 -18.50 12.62 -7.01
CA MET M 38 -17.13 12.51 -6.57
C MET M 38 -17.18 11.69 -5.28
N THR M 39 -18.15 11.99 -4.43
CA THR M 39 -18.38 11.28 -3.16
C THR M 39 -18.70 9.85 -3.38
N LYS M 40 -19.49 9.56 -4.43
CA LYS M 40 -19.89 8.18 -4.70
C LYS M 40 -18.76 7.44 -5.38
N ARG M 41 -17.74 8.15 -5.82
CA ARG M 41 -16.61 7.59 -6.60
C ARG M 41 -17.17 6.79 -7.81
N LEU M 42 -17.99 7.53 -8.58
CA LEU M 42 -18.54 7.09 -9.90
C LEU M 42 -17.55 7.24 -11.10
N TYR M 43 -16.76 8.33 -11.12
CA TYR M 43 -15.77 8.62 -12.19
C TYR M 43 -14.67 7.52 -12.39
N ASP M 44 -14.17 7.34 -13.61
CA ASP M 44 -13.14 6.31 -13.92
C ASP M 44 -11.70 6.77 -13.48
N GLU M 45 -10.91 5.85 -12.94
CA GLU M 45 -9.54 6.11 -12.43
C GLU M 45 -8.63 6.75 -13.49
N LYS M 46 -8.46 6.07 -14.63
CA LYS M 46 -7.50 6.45 -15.71
C LYS M 46 -8.01 7.53 -16.68
N GLN M 47 -9.33 7.56 -16.86
CA GLN M 47 -9.95 8.38 -17.87
C GLN M 47 -11.11 9.16 -17.25
N GLN M 48 -10.80 10.30 -16.64
CA GLN M 48 -11.71 10.90 -15.64
C GLN M 48 -12.92 11.71 -16.15
N HIS M 49 -13.23 11.65 -17.46
CA HIS M 49 -14.51 12.20 -18.04
C HIS M 49 -15.67 11.18 -17.96
N ILE M 50 -15.27 9.92 -17.84
CA ILE M 50 -16.14 8.77 -17.88
C ILE M 50 -16.81 8.57 -16.53
N VAL M 51 -18.13 8.54 -16.50
CA VAL M 51 -18.88 8.30 -15.31
C VAL M 51 -19.68 7.02 -15.42
N TYR M 52 -19.60 6.21 -14.36
CA TYR M 52 -20.30 4.94 -14.22
C TYR M 52 -21.60 5.13 -13.44
N CYS M 53 -22.75 4.73 -14.02
CA CYS M 53 -24.08 4.93 -13.35
C CYS M 53 -24.97 3.65 -13.14
N SER M 54 -24.59 2.52 -13.70
CA SER M 54 -25.30 1.25 -13.44
C SER M 54 -25.55 0.96 -11.98
N ASN M 55 -26.58 0.17 -11.70
CA ASN M 55 -26.96 -0.16 -10.33
C ASN M 55 -26.83 1.07 -9.41
N ASP M 56 -27.26 2.22 -9.89
CA ASP M 56 -27.00 3.45 -9.14
C ASP M 56 -28.06 4.41 -9.53
N LEU M 57 -28.36 5.27 -8.58
CA LEU M 57 -29.40 6.24 -8.67
C LEU M 57 -29.09 7.09 -9.87
N LEU M 58 -27.81 7.50 -10.08
CA LEU M 58 -27.52 8.32 -11.29
C LEU M 58 -27.89 7.57 -12.58
N GLY M 59 -27.62 6.25 -12.70
CA GLY M 59 -28.07 5.39 -13.86
C GLY M 59 -29.56 5.10 -14.10
N ASP M 60 -30.35 5.19 -13.04
CA ASP M 60 -31.79 5.27 -13.22
C ASP M 60 -32.14 6.69 -13.68
N LEU M 61 -31.54 7.69 -12.99
CA LEU M 61 -31.71 9.15 -13.20
C LEU M 61 -31.54 9.58 -14.63
N PHE M 62 -30.41 9.16 -15.18
CA PHE M 62 -30.07 9.48 -16.56
C PHE M 62 -30.73 8.54 -17.53
N GLY M 63 -30.83 7.26 -17.17
CA GLY M 63 -31.17 6.19 -18.10
C GLY M 63 -30.03 5.72 -19.00
N VAL M 64 -28.77 5.91 -18.60
CA VAL M 64 -27.66 5.45 -19.44
C VAL M 64 -26.75 4.76 -18.44
N PRO M 65 -26.07 3.67 -18.88
CA PRO M 65 -25.16 3.01 -17.94
C PRO M 65 -23.86 3.79 -17.71
N SER M 66 -23.61 4.75 -18.58
CA SER M 66 -22.49 5.64 -18.50
C SER M 66 -22.62 6.86 -19.39
N PHE M 67 -21.86 7.89 -19.01
CA PHE M 67 -21.66 9.05 -19.85
C PHE M 67 -20.23 9.64 -19.72
N SER M 68 -19.88 10.41 -20.76
CA SER M 68 -18.78 11.34 -20.77
C SER M 68 -19.36 12.71 -20.49
N VAL M 69 -18.68 13.35 -19.54
CA VAL M 69 -18.76 14.75 -19.20
C VAL M 69 -18.26 15.60 -20.37
N LYS M 70 -17.50 14.99 -21.29
CA LYS M 70 -17.02 15.72 -22.48
C LYS M 70 -18.15 16.10 -23.46
N GLU M 71 -19.33 15.52 -23.31
CA GLU M 71 -20.48 15.74 -24.15
C GLU M 71 -21.51 16.70 -23.46
N HIS M 72 -21.14 18.00 -23.47
CA HIS M 72 -21.88 19.06 -22.77
C HIS M 72 -23.33 19.01 -23.14
N ARG M 73 -23.66 19.12 -24.44
CA ARG M 73 -25.06 19.22 -24.81
C ARG M 73 -25.84 18.03 -24.26
N LYS M 74 -25.24 16.85 -24.34
CA LYS M 74 -25.94 15.59 -23.98
C LYS M 74 -26.28 15.52 -22.50
N ILE M 75 -25.29 15.88 -21.68
CA ILE M 75 -25.46 15.90 -20.25
C ILE M 75 -26.48 16.99 -19.75
N TYR M 76 -26.33 18.28 -20.12
CA TYR M 76 -27.36 19.31 -19.84
C TYR M 76 -28.78 18.81 -20.22
N THR M 77 -28.93 18.32 -21.45
CA THR M 77 -30.17 17.66 -21.95
C THR M 77 -30.72 16.63 -20.93
N MET M 78 -29.84 15.77 -20.39
CA MET M 78 -30.34 14.70 -19.45
C MET M 78 -30.65 15.39 -18.14
N ILE M 79 -29.87 16.42 -17.77
CA ILE M 79 -30.03 17.17 -16.50
C ILE M 79 -31.35 17.93 -16.44
N TYR M 80 -31.63 18.73 -17.48
CA TYR M 80 -32.92 19.40 -17.65
C TYR M 80 -34.10 18.44 -17.68
N ARG M 81 -33.95 17.20 -18.21
CA ARG M 81 -35.09 16.22 -18.15
C ARG M 81 -35.51 15.97 -16.72
N ASN M 82 -34.57 16.08 -15.81
CA ASN M 82 -34.72 15.78 -14.37
C ASN M 82 -35.04 17.05 -13.49
N LEU M 83 -35.33 18.19 -14.13
CA LEU M 83 -35.71 19.47 -13.50
C LEU M 83 -36.91 19.92 -14.24
N VAL M 84 -37.81 20.62 -13.54
CA VAL M 84 -38.69 21.60 -14.18
C VAL M 84 -37.98 22.95 -13.94
N VAL M 85 -37.55 23.67 -15.00
CA VAL M 85 -36.79 25.01 -14.84
C VAL M 85 -37.76 26.21 -14.72
C ACE N 1 -5.63 14.12 -16.82
O ACE N 1 -5.17 14.21 -15.67
CH3 ACE N 1 -4.62 14.08 -17.95
N THR N 2 -6.25 15.28 -16.83
CA THR N 2 -7.30 16.17 -16.27
C THR N 2 -8.28 15.44 -15.29
N SER N 3 -8.35 15.99 -14.08
CA SER N 3 -9.23 15.52 -13.00
C SER N 3 -10.71 15.37 -13.40
N PHE N 4 -11.49 14.48 -12.78
CA PHE N 4 -12.96 14.57 -12.99
C PHE N 4 -13.38 15.99 -12.70
N ALA N 5 -12.99 16.48 -11.53
CA ALA N 5 -13.26 17.90 -11.13
C ALA N 5 -13.08 18.88 -12.29
N GLU N 6 -11.93 18.90 -12.99
CA GLU N 6 -11.75 19.95 -14.00
C GLU N 6 -12.66 19.65 -15.17
N TYR N 7 -12.83 18.39 -15.58
CA TYR N 7 -13.78 18.12 -16.71
C TYR N 7 -15.17 18.71 -16.45
N TRP N 8 -15.58 18.48 -15.22
CA TRP N 8 -16.86 18.88 -14.73
C TRP N 8 -16.90 20.38 -14.54
C 9E7 N 9 -16.08 23.24 -15.69
S 9E7 N 9 -14.38 26.99 -18.11
N 9E7 N 9 -15.92 21.16 -14.23
CA 9E7 N 9 -16.09 22.63 -14.27
CB 9E7 N 9 -15.03 23.46 -13.56
CG 9E7 N 9 -15.32 25.01 -13.44
CD 9E7 N 9 -14.06 25.94 -13.39
CE 9E7 N 9 -14.26 27.26 -14.17
NZ 9E7 N 9 -14.08 27.13 -15.66
O 9E7 N 9 -17.05 23.95 -15.85
C1 9E7 N 9 -15.08 27.71 -16.60
N LEU N 10 -15.54 22.33 -16.54
CA LEU N 10 -15.74 22.74 -18.00
C LEU N 10 -17.18 22.48 -18.55
N LEU N 11 -17.92 21.52 -18.00
CA LEU N 11 -19.36 21.44 -18.24
C LEU N 11 -20.04 22.70 -17.75
N SER N 12 -19.67 23.11 -16.53
CA SER N 12 -20.31 24.20 -15.81
C SER N 12 -19.65 25.46 -16.38
N CYS N 13 -19.88 26.59 -15.70
CA CYS N 13 -19.30 27.95 -15.92
C CYS N 13 -19.49 28.63 -17.31
N NH2 N 14 -19.22 28.58 -18.55
N THR O 2 -23.98 12.79 -34.68
CA THR O 2 -23.22 12.71 -33.38
C THR O 2 -21.82 12.02 -33.54
N LEU O 3 -21.74 10.68 -33.44
CA LEU O 3 -20.60 9.80 -33.80
C LEU O 3 -19.43 9.61 -32.77
N VAL O 4 -19.02 8.33 -32.63
CA VAL O 4 -18.02 7.79 -31.68
C VAL O 4 -16.83 7.15 -32.51
N ARG O 5 -15.61 7.53 -32.12
CA ARG O 5 -14.35 7.10 -32.79
C ARG O 5 -13.56 6.10 -31.89
N PRO O 6 -13.85 4.77 -31.99
CA PRO O 6 -13.01 3.77 -31.23
C PRO O 6 -11.46 3.91 -31.30
N LYS O 7 -10.79 3.80 -30.14
CA LYS O 7 -9.33 3.58 -30.13
C LYS O 7 -8.84 2.35 -30.92
N PRO O 8 -7.66 2.45 -31.56
CA PRO O 8 -7.27 1.33 -32.36
C PRO O 8 -7.14 -0.03 -31.70
N LEU O 9 -7.02 -0.18 -30.38
CA LEU O 9 -7.19 -1.57 -29.88
C LEU O 9 -8.67 -1.97 -29.78
N LEU O 10 -9.57 -0.99 -29.62
CA LEU O 10 -10.97 -1.29 -29.69
C LEU O 10 -11.35 -1.54 -31.13
N LEU O 11 -10.85 -0.75 -32.06
CA LEU O 11 -11.10 -0.97 -33.45
C LEU O 11 -10.64 -2.38 -33.83
N LYS O 12 -9.53 -2.82 -33.27
CA LYS O 12 -8.94 -4.06 -33.72
C LYS O 12 -9.87 -5.22 -33.37
N LEU O 13 -10.56 -5.14 -32.24
CA LEU O 13 -11.54 -6.14 -31.83
C LEU O 13 -12.78 -6.07 -32.76
N LEU O 14 -13.29 -4.87 -33.00
CA LEU O 14 -14.43 -4.73 -33.85
C LEU O 14 -14.09 -5.23 -35.25
N LYS O 15 -12.95 -4.76 -35.76
CA LYS O 15 -12.37 -5.21 -37.05
C LYS O 15 -12.43 -6.76 -37.21
N SER O 16 -12.08 -7.48 -36.14
CA SER O 16 -11.78 -8.93 -36.21
C SER O 16 -13.01 -9.86 -36.31
N VAL O 17 -14.21 -9.28 -36.32
CA VAL O 17 -15.46 -9.96 -36.64
C VAL O 17 -16.16 -9.24 -37.81
N GLY O 18 -15.34 -8.46 -38.58
CA GLY O 18 -15.76 -7.58 -39.70
C GLY O 18 -16.14 -6.20 -39.24
N ALA O 19 -16.04 -5.19 -40.12
CA ALA O 19 -16.31 -3.76 -39.83
C ALA O 19 -15.22 -3.06 -40.52
N GLN O 20 -15.54 -1.92 -41.14
CA GLN O 20 -14.69 -1.35 -42.21
C GLN O 20 -14.64 0.18 -42.28
N LYS O 21 -14.98 0.81 -41.17
CA LYS O 21 -15.00 2.23 -41.08
C LYS O 21 -14.23 2.49 -39.81
N ASP O 22 -14.00 3.78 -39.49
CA ASP O 22 -13.35 4.14 -38.23
C ASP O 22 -14.23 5.02 -37.32
N THR O 23 -15.52 5.21 -37.64
CA THR O 23 -16.39 6.06 -36.84
C THR O 23 -17.68 5.29 -36.69
N TYR O 24 -18.18 5.16 -35.45
CA TYR O 24 -19.40 4.36 -35.12
C TYR O 24 -20.33 5.15 -34.21
N THR O 25 -21.65 4.96 -34.29
CA THR O 25 -22.47 5.40 -33.15
C THR O 25 -22.20 4.37 -32.03
N MET O 26 -22.60 4.75 -30.81
CA MET O 26 -22.47 3.94 -29.59
C MET O 26 -23.08 2.53 -29.80
N LYS O 27 -24.25 2.55 -30.47
CA LYS O 27 -25.09 1.35 -30.68
C LYS O 27 -24.32 0.44 -31.63
N GLU O 28 -23.81 0.97 -32.73
CA GLU O 28 -22.90 0.18 -33.58
C GLU O 28 -21.73 -0.45 -32.85
N VAL O 29 -21.12 0.27 -31.89
CA VAL O 29 -19.96 -0.22 -31.18
C VAL O 29 -20.47 -1.33 -30.24
N LEU O 30 -21.67 -1.13 -29.68
CA LEU O 30 -22.21 -2.10 -28.78
C LEU O 30 -22.60 -3.32 -29.59
N PHE O 31 -23.04 -3.13 -30.83
CA PHE O 31 -23.50 -4.28 -31.61
C PHE O 31 -22.33 -5.18 -31.93
N TYR O 32 -21.25 -4.58 -32.44
CA TYR O 32 -20.05 -5.35 -32.81
C TYR O 32 -19.31 -6.06 -31.68
N LEU O 33 -19.26 -5.41 -30.52
CA LEU O 33 -18.59 -6.01 -29.34
C LEU O 33 -19.31 -7.28 -28.85
N GLY O 34 -20.66 -7.19 -28.78
CA GLY O 34 -21.52 -8.33 -28.49
C GLY O 34 -21.35 -9.37 -29.55
N GLN O 35 -21.36 -8.91 -30.80
CA GLN O 35 -21.09 -9.78 -31.95
C GLN O 35 -19.78 -10.48 -31.69
N TYR O 36 -18.79 -9.78 -31.11
CA TYR O 36 -17.50 -10.41 -30.84
C TYR O 36 -17.46 -11.56 -29.77
N ILE O 37 -18.00 -11.27 -28.59
CA ILE O 37 -18.17 -12.25 -27.46
C ILE O 37 -18.95 -13.54 -27.94
N MET O 38 -19.94 -13.31 -28.78
CA MET O 38 -20.61 -14.42 -29.46
C MET O 38 -19.64 -15.15 -30.42
N THR O 39 -19.00 -14.45 -31.33
CA THR O 39 -18.33 -15.22 -32.37
C THR O 39 -17.12 -15.99 -31.81
N LYS O 40 -16.43 -15.46 -30.78
CA LYS O 40 -15.22 -16.12 -30.29
C LYS O 40 -15.59 -17.08 -29.15
N ARG O 41 -16.85 -16.98 -28.71
CA ARG O 41 -17.54 -17.91 -27.82
C ARG O 41 -17.11 -17.76 -26.37
N LEU O 42 -16.98 -16.53 -25.92
CA LEU O 42 -16.47 -16.18 -24.59
C LEU O 42 -17.56 -16.12 -23.56
N TYR O 43 -18.80 -16.47 -23.92
CA TYR O 43 -19.89 -16.57 -22.92
C TYR O 43 -20.04 -18.01 -22.34
N ASP O 44 -20.44 -18.08 -21.10
CA ASP O 44 -20.58 -19.39 -20.37
C ASP O 44 -21.92 -20.15 -20.74
N GLU O 45 -22.06 -21.43 -20.39
CA GLU O 45 -23.02 -22.39 -21.01
C GLU O 45 -24.19 -23.02 -20.17
N LYS O 46 -23.94 -23.21 -18.87
CA LYS O 46 -24.93 -23.65 -17.91
C LYS O 46 -25.42 -22.38 -17.23
N GLN O 47 -24.47 -21.50 -16.85
CA GLN O 47 -24.75 -20.08 -16.53
C GLN O 47 -24.22 -19.07 -17.50
N GLN O 48 -25.06 -18.63 -18.45
CA GLN O 48 -24.55 -17.92 -19.66
C GLN O 48 -24.25 -16.43 -19.52
N HIS O 49 -24.02 -15.93 -18.31
CA HIS O 49 -23.93 -14.48 -18.18
C HIS O 49 -22.56 -13.94 -17.83
N ILE O 50 -21.62 -14.87 -17.64
CA ILE O 50 -20.22 -14.62 -17.29
C ILE O 50 -19.21 -14.70 -18.49
N VAL O 51 -18.69 -13.55 -18.90
CA VAL O 51 -17.79 -13.57 -20.04
C VAL O 51 -16.38 -13.88 -19.47
N TYR O 52 -15.65 -14.79 -20.16
CA TYR O 52 -14.21 -15.07 -19.94
C TYR O 52 -13.42 -14.32 -21.04
N CYS O 53 -12.26 -13.84 -20.67
CA CYS O 53 -11.49 -12.92 -21.52
C CYS O 53 -10.00 -12.96 -21.12
N SER O 54 -9.63 -14.15 -20.71
CA SER O 54 -8.40 -14.36 -20.04
C SER O 54 -7.44 -14.51 -21.23
N ASN O 55 -6.45 -13.61 -21.38
CA ASN O 55 -5.44 -13.64 -22.46
C ASN O 55 -5.99 -13.53 -23.94
N ASP O 56 -7.24 -13.08 -24.04
CA ASP O 56 -7.82 -12.47 -25.23
C ASP O 56 -7.74 -10.94 -25.29
N LEU O 57 -7.88 -10.43 -26.52
CA LEU O 57 -8.06 -9.00 -26.86
C LEU O 57 -9.23 -8.30 -26.08
N LEU O 58 -10.30 -9.00 -25.76
CA LEU O 58 -11.26 -8.42 -24.82
C LEU O 58 -10.65 -8.14 -23.43
N GLY O 59 -9.82 -9.07 -22.95
CA GLY O 59 -9.10 -8.93 -21.66
C GLY O 59 -8.14 -7.74 -21.64
N ASP O 60 -7.14 -7.78 -22.50
CA ASP O 60 -6.43 -6.60 -22.89
C ASP O 60 -7.15 -5.22 -22.65
N LEU O 61 -8.31 -4.96 -23.26
CA LEU O 61 -8.97 -3.66 -22.97
C LEU O 61 -9.48 -3.60 -21.53
N PHE O 62 -9.98 -4.71 -21.00
CA PHE O 62 -10.54 -4.72 -19.66
C PHE O 62 -9.45 -4.76 -18.57
N GLY O 63 -8.51 -5.68 -18.72
CA GLY O 63 -7.51 -5.93 -17.69
C GLY O 63 -8.23 -6.65 -16.56
N VAL O 64 -9.09 -7.58 -16.96
CA VAL O 64 -9.66 -8.56 -16.05
C VAL O 64 -9.75 -9.92 -16.83
N PRO O 65 -9.53 -11.12 -16.17
CA PRO O 65 -9.77 -12.51 -16.72
C PRO O 65 -11.23 -12.90 -17.05
N SER O 66 -12.22 -12.18 -16.47
CA SER O 66 -13.68 -12.49 -16.56
C SER O 66 -14.53 -11.30 -16.04
N PHE O 67 -15.82 -11.34 -16.37
CA PHE O 67 -16.73 -10.29 -15.94
C PHE O 67 -18.17 -10.75 -16.15
N SER O 68 -19.15 -10.07 -15.55
CA SER O 68 -20.54 -10.34 -15.87
C SER O 68 -21.13 -9.14 -16.65
N VAL O 69 -22.07 -9.37 -17.62
CA VAL O 69 -22.80 -8.27 -18.43
C VAL O 69 -23.78 -7.41 -17.58
N LYS O 70 -24.23 -8.04 -16.49
CA LYS O 70 -25.01 -7.41 -15.45
C LYS O 70 -24.39 -6.20 -14.77
N GLU O 71 -23.09 -6.03 -14.95
CA GLU O 71 -22.29 -5.03 -14.29
C GLU O 71 -22.00 -3.97 -15.37
N HIS O 72 -23.14 -3.44 -15.86
CA HIS O 72 -23.22 -2.50 -16.97
C HIS O 72 -22.16 -1.42 -16.76
N ARG O 73 -21.82 -1.23 -15.49
CA ARG O 73 -20.62 -0.56 -14.95
C ARG O 73 -19.30 -0.57 -15.80
N LYS O 74 -18.41 -1.54 -15.53
CA LYS O 74 -17.07 -1.55 -16.15
C LYS O 74 -17.09 -1.68 -17.69
N ILE O 75 -18.18 -2.26 -18.25
CA ILE O 75 -18.36 -2.46 -19.71
C ILE O 75 -18.41 -1.09 -20.43
N TYR O 76 -19.50 -0.36 -20.21
CA TYR O 76 -19.59 1.00 -20.71
C TYR O 76 -18.35 1.83 -20.39
N THR O 77 -17.85 1.71 -19.17
CA THR O 77 -16.61 2.42 -18.71
C THR O 77 -15.40 2.07 -19.62
N MET O 78 -15.09 0.80 -19.77
CA MET O 78 -13.91 0.46 -20.56
C MET O 78 -14.09 0.90 -22.03
N ILE O 79 -15.34 0.83 -22.54
CA ILE O 79 -15.70 1.41 -23.86
C ILE O 79 -15.38 2.92 -24.02
N TYR O 80 -15.96 3.76 -23.15
CA TYR O 80 -15.66 5.20 -23.14
C TYR O 80 -14.17 5.50 -22.88
N ARG O 81 -13.53 4.71 -22.02
CA ARG O 81 -12.04 4.73 -21.81
C ARG O 81 -11.30 4.65 -23.14
N ASN O 82 -11.82 3.81 -24.02
CA ASN O 82 -11.21 3.52 -25.31
C ASN O 82 -11.74 4.30 -26.53
N LEU O 83 -12.28 5.50 -26.28
CA LEU O 83 -12.68 6.36 -27.41
C LEU O 83 -11.74 7.51 -27.61
N VAL O 84 -11.70 8.03 -28.85
CA VAL O 84 -11.04 9.31 -29.16
C VAL O 84 -11.98 10.49 -28.83
C ACE P 1 -32.26 -19.80 -19.49
O ACE P 1 -32.21 -20.34 -20.63
CH3 ACE P 1 -31.80 -20.79 -18.42
N THR P 2 -31.64 -18.61 -19.54
CA THR P 2 -31.41 -17.19 -20.05
C THR P 2 -30.20 -17.13 -20.99
N SER P 3 -30.34 -16.67 -22.23
CA SER P 3 -29.21 -16.73 -23.19
C SER P 3 -28.20 -15.60 -22.96
N PHE P 4 -26.94 -15.86 -23.30
CA PHE P 4 -25.98 -14.77 -23.24
C PHE P 4 -26.47 -13.60 -24.06
N ALA P 5 -27.06 -13.86 -25.24
CA ALA P 5 -27.62 -12.84 -26.14
C ALA P 5 -28.61 -11.85 -25.53
N GLU P 6 -29.52 -12.32 -24.68
CA GLU P 6 -30.58 -11.51 -24.08
C GLU P 6 -30.00 -10.49 -23.11
N TYR P 7 -29.03 -10.92 -22.31
CA TYR P 7 -28.42 -10.02 -21.36
C TYR P 7 -27.72 -8.88 -22.10
N TRP P 8 -27.09 -9.17 -23.25
CA TRP P 8 -26.46 -8.11 -24.00
C TRP P 8 -27.47 -7.06 -24.44
C 9E7 P 9 -30.46 -5.50 -24.28
S 9E7 P 9 -34.11 -5.14 -24.60
N 9E7 P 9 -28.64 -7.02 -24.90
CA 9E7 P 9 -29.82 -6.34 -25.39
CB 9E7 P 9 -30.88 -7.30 -25.93
CG 9E7 P 9 -31.23 -7.18 -27.43
CD 9E7 P 9 -32.76 -7.17 -27.73
CE 9E7 P 9 -33.37 -5.76 -27.77
NZ 9E7 P 9 -32.62 -4.88 -26.80
O 9E7 P 9 -30.28 -4.29 -24.40
C1 9E7 P 9 -33.45 -4.03 -25.92
N LEU P 10 -30.46 -5.67 -22.95
CA LEU P 10 -30.27 -5.38 -21.44
C LEU P 10 -28.92 -4.73 -21.06
N LEU P 11 -28.45 -3.85 -21.94
CA LEU P 11 -27.28 -3.02 -21.71
C LEU P 11 -27.14 -2.04 -22.91
N SER P 12 -28.26 -1.38 -23.22
CA SER P 12 -28.45 -0.48 -24.36
C SER P 12 -29.96 -0.13 -24.24
N CYS P 13 -30.69 0.00 -25.38
CA CYS P 13 -32.19 0.19 -25.55
C CYS P 13 -32.81 1.55 -25.12
N NH2 P 14 -32.79 2.02 -23.95
N THR Q 2 29.81 20.86 -8.99
CA THR Q 2 28.60 20.17 -9.53
C THR Q 2 27.56 19.80 -8.45
N LEU Q 3 26.40 20.48 -8.45
CA LEU Q 3 25.38 20.35 -7.43
C LEU Q 3 24.11 19.78 -8.08
N VAL Q 4 23.45 18.88 -7.39
CA VAL Q 4 22.17 18.26 -7.86
C VAL Q 4 20.96 18.68 -6.99
N ARG Q 5 19.75 18.63 -7.57
CA ARG Q 5 18.53 19.05 -6.89
C ARG Q 5 17.58 17.83 -6.66
N PRO Q 6 17.59 17.19 -5.44
CA PRO Q 6 16.74 16.05 -5.15
C PRO Q 6 15.32 16.45 -5.37
N LYS Q 7 14.52 15.54 -5.95
CA LYS Q 7 13.07 15.73 -5.95
C LYS Q 7 12.57 15.61 -4.50
N PRO Q 8 11.27 15.99 -4.20
CA PRO Q 8 10.85 16.05 -2.81
C PRO Q 8 11.03 14.84 -1.98
N LEU Q 9 10.86 13.67 -2.57
CA LEU Q 9 10.79 12.46 -1.76
C LEU Q 9 12.17 12.12 -1.29
N LEU Q 10 13.12 12.12 -2.23
CA LEU Q 10 14.53 12.06 -1.84
C LEU Q 10 14.79 13.15 -0.81
N LEU Q 11 14.44 14.42 -1.09
CA LEU Q 11 14.69 15.51 -0.12
C LEU Q 11 14.19 15.28 1.31
N LYS Q 12 13.04 14.61 1.42
CA LYS Q 12 12.39 14.38 2.74
C LYS Q 12 13.17 13.37 3.53
N LEU Q 13 13.63 12.36 2.81
CA LEU Q 13 14.48 11.33 3.36
C LEU Q 13 15.72 11.96 3.95
N LEU Q 14 16.47 12.78 3.20
CA LEU Q 14 17.68 13.42 3.74
C LEU Q 14 17.44 14.43 4.91
N LYS Q 15 16.41 15.27 4.79
CA LYS Q 15 16.06 16.23 5.84
C LYS Q 15 15.65 15.58 7.14
N SER Q 16 14.95 14.42 7.12
CA SER Q 16 14.67 13.59 8.32
C SER Q 16 15.90 13.22 9.15
N VAL Q 17 17.10 13.12 8.54
CA VAL Q 17 18.37 12.91 9.31
C VAL Q 17 19.30 14.16 9.38
N GLY Q 18 18.67 15.32 9.25
CA GLY Q 18 19.23 16.65 9.49
C GLY Q 18 19.80 17.42 8.31
N ALA Q 19 19.69 16.88 7.09
CA ALA Q 19 19.93 17.70 5.88
C ALA Q 19 19.13 19.02 5.95
N GLN Q 20 19.77 20.08 5.44
CA GLN Q 20 19.33 21.50 5.57
C GLN Q 20 19.19 22.34 4.28
N LYS Q 21 19.45 21.72 3.15
CA LYS Q 21 19.84 22.35 1.92
C LYS Q 21 18.84 21.97 0.85
N ASP Q 22 18.76 22.74 -0.24
CA ASP Q 22 18.00 22.37 -1.47
C ASP Q 22 18.85 21.61 -2.48
N THR Q 23 20.18 21.78 -2.45
CA THR Q 23 21.10 21.25 -3.48
C THR Q 23 22.33 20.62 -2.83
N TYR Q 24 22.97 19.64 -3.47
CA TYR Q 24 24.01 18.80 -2.86
C TYR Q 24 24.99 18.28 -3.90
N THR Q 25 26.21 18.05 -3.46
CA THR Q 25 27.12 17.17 -4.17
C THR Q 25 26.60 15.77 -4.08
N MET Q 26 26.76 14.97 -5.14
CA MET Q 26 26.37 13.54 -5.08
C MET Q 26 26.94 12.89 -3.86
N LYS Q 27 28.24 13.10 -3.61
CA LYS Q 27 28.82 12.57 -2.36
C LYS Q 27 28.02 13.01 -1.14
N GLU Q 28 27.47 14.25 -1.07
CA GLU Q 28 26.67 14.63 0.13
C GLU Q 28 25.34 13.89 0.20
N VAL Q 29 24.66 13.73 -0.93
CA VAL Q 29 23.51 12.82 -0.98
C VAL Q 29 23.85 11.41 -0.43
N LEU Q 30 24.99 10.83 -0.87
CA LEU Q 30 25.38 9.48 -0.40
C LEU Q 30 25.60 9.47 1.11
N PHE Q 31 26.00 10.58 1.69
CA PHE Q 31 26.45 10.51 3.11
C PHE Q 31 25.20 10.45 3.89
N TYR Q 32 24.31 11.36 3.55
CA TYR Q 32 23.03 11.44 4.18
C TYR Q 32 22.17 10.24 4.03
N LEU Q 33 22.26 9.55 2.91
CA LEU Q 33 21.38 8.42 2.69
C LEU Q 33 21.96 7.29 3.46
N GLY Q 34 23.30 7.15 3.48
CA GLY Q 34 23.93 6.13 4.38
C GLY Q 34 23.59 6.31 5.85
N GLN Q 35 23.79 7.55 6.30
CA GLN Q 35 23.35 8.00 7.63
C GLN Q 35 21.82 7.70 7.94
N TYR Q 36 20.95 7.81 6.95
CA TYR Q 36 19.55 7.44 7.11
C TYR Q 36 19.36 5.99 7.43
N ILE Q 37 20.04 5.16 6.65
CA ILE Q 37 19.89 3.73 6.82
C ILE Q 37 20.40 3.35 8.24
N MET Q 38 21.43 4.02 8.71
CA MET Q 38 22.08 3.60 9.99
C MET Q 38 21.29 4.11 11.16
N THR Q 39 20.86 5.38 11.09
CA THR Q 39 20.03 5.99 12.12
C THR Q 39 18.61 5.32 12.27
N LYS Q 40 17.96 5.05 11.15
CA LYS Q 40 16.70 4.28 11.17
C LYS Q 40 16.84 2.71 11.32
N ARG Q 41 18.05 2.18 11.39
CA ARG Q 41 18.41 0.77 11.73
C ARG Q 41 17.78 -0.13 10.70
N LEU Q 42 18.05 0.18 9.43
CA LEU Q 42 17.45 -0.68 8.39
C LEU Q 42 18.31 -1.79 7.83
N TYR Q 43 19.56 -1.86 8.26
CA TYR Q 43 20.55 -2.84 7.69
C TYR Q 43 20.50 -4.09 8.54
N ASP Q 44 20.67 -5.24 7.91
CA ASP Q 44 20.80 -6.53 8.60
C ASP Q 44 21.97 -6.64 9.59
N GLU Q 45 21.67 -7.12 10.77
CA GLU Q 45 22.63 -7.11 11.81
C GLU Q 45 23.79 -8.06 11.53
N LYS Q 46 23.49 -9.16 10.80
CA LYS Q 46 24.38 -10.29 10.62
C LYS Q 46 25.10 -10.27 9.27
N GLN Q 47 24.34 -10.00 8.24
CA GLN Q 47 24.82 -9.82 6.88
C GLN Q 47 24.49 -8.41 6.40
N GLN Q 48 25.39 -7.50 6.76
CA GLN Q 48 25.08 -6.03 6.81
C GLN Q 48 24.90 -5.20 5.47
N HIS Q 49 25.09 -5.85 4.31
CA HIS Q 49 24.76 -5.37 2.97
C HIS Q 49 23.29 -5.44 2.64
N ILE Q 50 22.51 -6.23 3.36
CA ILE Q 50 21.05 -6.20 3.19
C ILE Q 50 20.34 -5.11 3.96
N VAL Q 51 19.51 -4.41 3.22
CA VAL Q 51 18.72 -3.33 3.72
C VAL Q 51 17.23 -3.70 3.54
N TYR Q 52 16.50 -3.47 4.62
CA TYR Q 52 15.04 -3.72 4.69
C TYR Q 52 14.20 -2.42 4.78
N CYS Q 53 13.22 -2.33 3.91
CA CYS Q 53 12.67 -1.03 3.69
C CYS Q 53 11.17 -1.01 3.48
N SER Q 54 10.43 -2.08 3.90
CA SER Q 54 8.98 -2.19 3.61
C SER Q 54 8.36 -1.05 4.44
N ASN Q 55 7.30 -0.44 3.91
CA ASN Q 55 6.52 0.57 4.65
C ASN Q 55 7.49 1.64 5.19
N ASP Q 56 8.46 2.07 4.40
CA ASP Q 56 9.44 3.16 4.77
C ASP Q 56 9.56 4.15 3.59
N LEU Q 57 9.91 5.41 3.84
CA LEU Q 57 10.30 6.32 2.73
C LEU Q 57 11.28 5.70 1.77
N LEU Q 58 12.24 5.00 2.31
CA LEU Q 58 13.31 4.49 1.50
C LEU Q 58 12.81 3.39 0.55
N GLY Q 59 11.84 2.61 1.00
CA GLY Q 59 11.10 1.72 0.15
C GLY Q 59 10.15 2.31 -0.89
N ASP Q 60 9.63 3.49 -0.57
CA ASP Q 60 8.73 4.24 -1.44
C ASP Q 60 9.47 4.78 -2.60
N LEU Q 61 10.78 4.93 -2.43
CA LEU Q 61 11.67 5.35 -3.48
C LEU Q 61 12.14 4.21 -4.46
N PHE Q 62 12.34 3.02 -3.94
CA PHE Q 62 13.11 1.98 -4.63
C PHE Q 62 12.29 0.93 -5.35
N GLY Q 63 11.08 0.65 -4.85
CA GLY Q 63 10.17 -0.35 -5.42
C GLY Q 63 9.96 -1.59 -4.54
N VAL Q 64 10.96 -1.96 -3.74
CA VAL Q 64 11.01 -3.29 -3.11
C VAL Q 64 10.96 -3.22 -1.56
N PRO Q 65 10.51 -4.29 -0.90
CA PRO Q 65 10.80 -4.37 0.53
C PRO Q 65 12.28 -4.36 0.98
N SER Q 66 13.23 -4.63 0.09
CA SER Q 66 14.60 -4.81 0.49
C SER Q 66 15.52 -4.55 -0.69
N PHE Q 67 16.79 -4.31 -0.39
CA PHE Q 67 17.82 -4.26 -1.41
C PHE Q 67 19.23 -4.45 -0.80
N SER Q 68 20.23 -4.64 -1.65
CA SER Q 68 21.57 -5.01 -1.20
C SER Q 68 22.48 -3.91 -1.61
N VAL Q 69 23.29 -3.46 -0.66
CA VAL Q 69 24.18 -2.37 -0.91
C VAL Q 69 25.06 -2.73 -2.09
N LYS Q 70 25.30 -4.03 -2.40
CA LYS Q 70 26.08 -4.42 -3.58
C LYS Q 70 25.37 -4.19 -4.90
N GLU Q 71 24.06 -3.97 -4.92
CA GLU Q 71 23.37 -3.55 -6.14
C GLU Q 71 23.67 -2.07 -6.44
N HIS Q 72 24.86 -1.80 -7.00
CA HIS Q 72 25.38 -0.44 -7.18
C HIS Q 72 24.59 0.25 -8.32
N ARG Q 73 24.44 -0.49 -9.42
CA ARG Q 73 23.61 -0.05 -10.50
C ARG Q 73 22.21 0.37 -10.01
N LYS Q 74 21.56 -0.53 -9.27
CA LYS Q 74 20.20 -0.28 -8.75
C LYS Q 74 20.05 0.98 -7.89
N ILE Q 75 20.91 1.11 -6.90
CA ILE Q 75 20.95 2.25 -5.97
C ILE Q 75 21.26 3.58 -6.65
N TYR Q 76 22.24 3.61 -7.56
CA TYR Q 76 22.50 4.90 -8.29
C TYR Q 76 21.35 5.23 -9.27
N THR Q 77 20.70 4.22 -9.83
CA THR Q 77 19.60 4.50 -10.76
C THR Q 77 18.42 5.06 -9.99
N MET Q 78 18.24 4.61 -8.77
CA MET Q 78 17.18 5.12 -7.92
C MET Q 78 17.54 6.49 -7.32
N ILE Q 79 18.80 6.89 -7.32
CA ILE Q 79 19.14 8.25 -6.94
C ILE Q 79 18.90 9.21 -8.15
N TYR Q 80 19.46 8.87 -9.31
CA TYR Q 80 19.34 9.72 -10.50
C TYR Q 80 17.93 10.02 -10.92
N ARG Q 81 17.04 9.04 -10.71
CA ARG Q 81 15.65 9.15 -11.10
C ARG Q 81 14.91 10.09 -10.19
N ASN Q 82 15.52 10.47 -9.07
CA ASN Q 82 14.86 11.27 -8.07
C ASN Q 82 15.68 12.53 -7.83
N LEU Q 83 16.08 13.14 -8.93
CA LEU Q 83 16.81 14.40 -9.02
C LEU Q 83 16.21 15.18 -10.16
N VAL Q 84 16.51 16.48 -10.20
CA VAL Q 84 17.10 17.06 -11.42
C VAL Q 84 18.31 17.92 -11.09
C ACE R 1 31.41 -8.16 8.83
O ACE R 1 32.06 -7.44 9.61
CH3 ACE R 1 31.54 -9.66 9.01
N THR R 2 31.78 -7.74 7.62
CA THR R 2 31.89 -6.42 6.95
C THR R 2 30.68 -5.56 7.36
N SER R 3 30.95 -4.36 7.82
CA SER R 3 29.93 -3.46 8.32
C SER R 3 29.16 -2.85 7.19
N PHE R 4 27.91 -2.46 7.46
CA PHE R 4 27.12 -1.64 6.53
C PHE R 4 27.88 -0.40 6.07
N ALA R 5 28.38 0.37 7.03
CA ALA R 5 29.18 1.55 6.71
C ALA R 5 30.29 1.25 5.71
N GLU R 6 30.98 0.11 5.84
CA GLU R 6 32.03 -0.31 4.85
C GLU R 6 31.48 -0.70 3.48
N TYR R 7 30.50 -1.61 3.43
CA TYR R 7 29.73 -1.78 2.17
C TYR R 7 29.26 -0.45 1.58
N TRP R 8 28.67 0.44 2.39
CA TRP R 8 28.16 1.73 1.92
C TRP R 8 29.35 2.56 1.40
C 9E7 R 9 32.37 2.78 0.22
S 9E7 R 9 36.32 2.82 -1.84
N 9E7 R 9 30.48 2.74 1.88
CA 9E7 R 9 31.69 3.42 1.45
CB 9E7 R 9 32.75 3.45 2.53
CG 9E7 R 9 33.99 4.30 2.15
CD 9E7 R 9 35.19 3.44 1.77
CE 9E7 R 9 36.38 4.31 1.38
NZ 9E7 R 9 36.71 4.37 -0.09
O 9E7 R 9 32.42 3.59 -0.71
C1 9E7 R 9 35.67 4.41 -1.20
N LEU R 10 31.95 1.54 0.02
CA LEU R 10 32.40 0.93 -1.29
C LEU R 10 31.43 1.21 -2.39
N LEU R 11 30.14 1.22 -2.06
CA LEU R 11 29.13 1.82 -2.87
C LEU R 11 29.48 3.25 -3.30
N SER R 12 30.05 4.04 -2.40
N SER R 12 30.06 4.03 -2.38
CA SER R 12 30.16 5.49 -2.58
CA SER R 12 30.17 5.48 -2.52
C SER R 12 31.36 5.92 -3.40
C SER R 12 31.34 5.91 -3.41
N CYS R 13 32.38 5.07 -3.45
CA CYS R 13 33.44 5.18 -4.44
C CYS R 13 33.93 3.79 -4.83
N NH2 R 14 34.98 3.09 -4.62
N GLU S 1 35.35 17.20 -40.65
CA GLU S 1 35.08 15.76 -40.89
C GLU S 1 36.15 15.08 -41.73
N THR S 2 37.37 14.98 -41.18
CA THR S 2 38.40 14.10 -41.75
C THR S 2 38.08 12.67 -41.36
N LEU S 3 38.99 11.76 -41.69
CA LEU S 3 39.04 10.44 -41.06
C LEU S 3 40.00 10.46 -39.83
N VAL S 4 39.58 9.77 -38.74
CA VAL S 4 40.21 9.68 -37.41
C VAL S 4 40.49 8.18 -37.12
N ARG S 5 41.46 7.88 -36.25
CA ARG S 5 41.92 6.54 -36.01
C ARG S 5 41.76 6.16 -34.51
N PRO S 6 40.67 5.47 -34.19
CA PRO S 6 40.42 5.09 -32.80
C PRO S 6 41.51 4.29 -32.16
N LYS S 7 41.77 4.61 -30.90
CA LYS S 7 42.68 3.79 -30.07
C LYS S 7 42.06 2.39 -29.83
N PRO S 8 42.88 1.34 -29.53
CA PRO S 8 42.37 -0.01 -29.38
C PRO S 8 41.18 -0.21 -28.47
N LEU S 9 41.06 0.56 -27.40
CA LEU S 9 39.89 0.48 -26.52
C LEU S 9 38.60 1.01 -27.20
N LEU S 10 38.63 2.20 -27.83
CA LEU S 10 37.49 2.66 -28.63
C LEU S 10 37.18 1.77 -29.81
N LEU S 11 38.22 1.36 -30.48
CA LEU S 11 38.08 0.46 -31.51
C LEU S 11 37.42 -0.85 -31.09
N LYS S 12 37.73 -1.34 -29.90
CA LYS S 12 37.21 -2.63 -29.43
C LYS S 12 35.69 -2.58 -29.18
N LEU S 13 35.28 -1.43 -28.64
CA LEU S 13 33.91 -1.07 -28.42
C LEU S 13 33.14 -0.94 -29.76
N LEU S 14 33.69 -0.23 -30.76
CA LEU S 14 33.08 -0.19 -32.10
C LEU S 14 32.97 -1.54 -32.72
N LYS S 15 34.01 -2.36 -32.58
CA LYS S 15 34.00 -3.72 -33.11
C LYS S 15 33.25 -4.66 -32.14
N SER S 16 32.95 -4.23 -30.90
CA SER S 16 32.02 -5.01 -30.07
C SER S 16 30.77 -5.30 -30.89
N VAL S 17 30.44 -4.39 -31.81
CA VAL S 17 29.11 -4.35 -32.36
C VAL S 17 29.07 -4.26 -33.88
N GLY S 18 30.01 -4.89 -34.58
CA GLY S 18 29.93 -4.83 -36.06
C GLY S 18 30.20 -3.48 -36.78
N ALA S 19 31.22 -2.75 -36.32
CA ALA S 19 31.77 -1.61 -37.11
C ALA S 19 32.84 -2.35 -37.83
N GLN S 20 33.40 -1.86 -38.93
CA GLN S 20 34.23 -2.80 -39.69
C GLN S 20 35.51 -2.25 -40.35
N LYS S 21 35.95 -1.02 -39.99
CA LYS S 21 37.15 -0.35 -40.56
C LYS S 21 38.16 -0.06 -39.38
N ASP S 22 39.24 0.66 -39.64
CA ASP S 22 40.11 1.13 -38.56
C ASP S 22 40.15 2.68 -38.53
N THR S 23 39.70 3.30 -39.61
CA THR S 23 39.56 4.71 -39.68
C THR S 23 38.08 5.01 -39.88
N TYR S 24 37.64 6.08 -39.24
CA TYR S 24 36.21 6.44 -39.27
C TYR S 24 36.06 7.95 -39.31
N THR S 25 34.92 8.43 -39.80
CA THR S 25 34.63 9.87 -39.75
C THR S 25 34.28 10.23 -38.31
N MET S 26 34.44 11.51 -37.96
CA MET S 26 34.13 11.99 -36.62
C MET S 26 32.66 11.80 -36.41
N LYS S 27 31.89 12.33 -37.35
CA LYS S 27 30.46 11.98 -37.46
C LYS S 27 30.13 10.47 -37.38
N GLU S 28 30.87 9.55 -38.03
CA GLU S 28 30.59 8.03 -37.92
C GLU S 28 30.85 7.31 -36.53
N VAL S 29 31.91 7.72 -35.85
CA VAL S 29 32.23 7.11 -34.55
C VAL S 29 30.98 7.14 -33.65
N LEU S 30 30.32 8.29 -33.75
CA LEU S 30 29.05 8.64 -33.14
C LEU S 30 27.84 8.10 -33.91
N PHE S 31 27.83 6.78 -34.09
CA PHE S 31 26.62 6.03 -34.48
C PHE S 31 26.88 4.59 -34.02
N TYR S 32 28.12 4.16 -34.26
CA TYR S 32 28.62 2.93 -33.58
C TYR S 32 28.55 2.96 -32.02
N LEU S 33 28.86 4.12 -31.45
CA LEU S 33 28.88 4.30 -29.98
C LEU S 33 27.49 4.07 -29.37
N GLY S 34 26.47 4.61 -30.02
CA GLY S 34 25.11 4.58 -29.51
C GLY S 34 24.52 3.22 -29.70
N GLN S 35 24.78 2.67 -30.86
CA GLN S 35 24.51 1.30 -31.13
C GLN S 35 25.02 0.36 -30.07
N TYR S 36 26.22 0.61 -29.56
CA TYR S 36 26.78 -0.18 -28.46
C TYR S 36 25.94 -0.02 -27.21
N ILE S 37 25.62 1.22 -26.92
CA ILE S 37 24.92 1.57 -25.67
C ILE S 37 23.50 0.96 -25.67
N MET S 38 22.87 0.95 -26.83
CA MET S 38 21.62 0.19 -27.01
C MET S 38 21.74 -1.39 -27.03
N THR S 39 22.79 -1.92 -27.63
CA THR S 39 22.94 -3.36 -27.76
C THR S 39 23.23 -4.01 -26.43
N LYS S 40 24.18 -3.43 -25.69
CA LYS S 40 24.48 -3.79 -24.27
C LYS S 40 23.44 -3.40 -23.20
N ARG S 41 22.45 -2.56 -23.57
CA ARG S 41 21.30 -2.21 -22.73
C ARG S 41 21.52 -1.05 -21.74
N LEU S 42 22.60 -0.28 -21.95
CA LEU S 42 23.19 0.59 -20.91
C LEU S 42 22.46 1.85 -20.48
N TYR S 43 21.58 2.39 -21.29
CA TYR S 43 20.80 3.56 -20.86
C TYR S 43 19.65 3.14 -19.93
N ASP S 44 19.21 4.00 -19.00
CA ASP S 44 18.09 3.69 -18.07
C ASP S 44 16.79 3.79 -18.84
N GLU S 45 16.00 2.73 -18.83
CA GLU S 45 14.75 2.68 -19.65
C GLU S 45 13.57 3.55 -19.13
N LYS S 46 13.69 4.16 -17.95
CA LYS S 46 12.78 5.18 -17.41
C LYS S 46 13.33 6.59 -17.54
N GLN S 47 14.66 6.74 -17.50
CA GLN S 47 15.38 8.05 -17.64
C GLN S 47 16.40 7.98 -18.79
N GLN S 48 16.00 8.48 -19.95
CA GLN S 48 16.66 8.13 -21.21
C GLN S 48 18.08 8.68 -21.45
N HIS S 49 18.41 9.80 -20.84
CA HIS S 49 19.73 10.37 -21.04
C HIS S 49 20.89 9.73 -20.23
N ILE S 50 20.56 9.02 -19.15
CA ILE S 50 21.63 8.55 -18.22
C ILE S 50 22.10 7.21 -18.74
N VAL S 51 23.42 7.08 -18.89
CA VAL S 51 24.01 5.79 -19.19
C VAL S 51 24.78 5.26 -18.00
N TYR S 52 24.45 4.01 -17.55
CA TYR S 52 25.17 3.15 -16.54
C TYR S 52 26.14 2.12 -17.13
N CYS S 53 27.38 2.59 -17.25
CA CYS S 53 28.47 1.86 -17.83
C CYS S 53 29.50 1.31 -16.84
N SER S 54 29.13 1.38 -15.55
CA SER S 54 29.69 0.56 -14.49
C SER S 54 30.16 -0.78 -15.02
N ASN S 55 31.46 -0.97 -14.98
CA ASN S 55 32.07 -2.32 -15.01
C ASN S 55 32.11 -2.91 -16.41
N ASP S 56 31.43 -2.28 -17.41
CA ASP S 56 31.60 -2.62 -18.83
C ASP S 56 32.70 -1.68 -19.32
N LEU S 57 33.39 -2.19 -20.36
CA LEU S 57 34.23 -1.57 -21.38
C LEU S 57 33.97 -0.07 -21.54
N LEU S 58 32.74 0.35 -21.66
CA LEU S 58 32.47 1.75 -21.86
C LEU S 58 32.79 2.58 -20.62
N GLY S 59 32.59 1.99 -19.44
CA GLY S 59 33.16 2.52 -18.22
C GLY S 59 34.64 2.83 -18.40
N ASP S 60 35.43 1.87 -18.86
CA ASP S 60 36.92 2.01 -18.81
C ASP S 60 37.35 3.06 -19.80
N LEU S 61 36.58 3.14 -20.86
CA LEU S 61 36.77 4.08 -21.89
C LEU S 61 36.51 5.48 -21.41
N PHE S 62 35.37 5.65 -20.78
CA PHE S 62 35.06 6.96 -20.37
C PHE S 62 35.71 7.30 -19.01
N GLY S 63 36.08 6.26 -18.25
CA GLY S 63 36.70 6.35 -16.90
C GLY S 63 35.73 6.53 -15.73
N VAL S 64 34.42 6.52 -16.01
CA VAL S 64 33.41 6.95 -15.02
C VAL S 64 32.38 5.82 -14.91
N PRO S 65 31.69 5.68 -13.74
CA PRO S 65 30.62 4.62 -13.65
C PRO S 65 29.29 4.97 -14.35
N SER S 66 28.99 6.22 -14.53
CA SER S 66 27.74 6.60 -15.20
C SER S 66 28.09 7.90 -15.83
N PHE S 67 27.39 8.29 -16.89
CA PHE S 67 27.36 9.67 -17.33
C PHE S 67 25.99 10.02 -17.87
N SER S 68 25.80 11.29 -18.19
CA SER S 68 24.54 11.78 -18.82
C SER S 68 24.80 12.16 -20.26
N VAL S 69 24.01 11.62 -21.22
CA VAL S 69 24.15 11.95 -22.67
C VAL S 69 24.08 13.48 -22.88
N LYS S 70 23.42 14.21 -21.97
CA LYS S 70 23.43 15.70 -21.97
C LYS S 70 24.78 16.44 -21.72
N GLU S 71 25.87 15.75 -21.41
CA GLU S 71 27.17 16.41 -21.10
C GLU S 71 28.21 16.34 -22.25
N HIS S 72 27.82 16.92 -23.39
CA HIS S 72 28.53 16.89 -24.69
C HIS S 72 30.06 17.08 -24.52
N ARG S 73 30.40 18.04 -23.69
CA ARG S 73 31.76 18.42 -23.42
C ARG S 73 32.51 17.29 -22.79
N LYS S 74 31.85 16.50 -21.96
CA LYS S 74 32.56 15.38 -21.40
C LYS S 74 32.60 14.31 -22.45
N ILE S 75 31.51 14.01 -23.14
CA ILE S 75 31.61 12.93 -24.10
C ILE S 75 32.67 13.12 -25.18
N TYR S 76 32.68 14.31 -25.71
CA TYR S 76 33.61 14.64 -26.74
C TYR S 76 35.04 14.45 -26.24
N THR S 77 35.35 14.93 -25.02
CA THR S 77 36.70 14.82 -24.49
C THR S 77 37.15 13.36 -24.44
N MET S 78 36.30 12.43 -24.01
CA MET S 78 36.81 11.03 -23.90
C MET S 78 36.96 10.35 -25.29
N ILE S 79 36.06 10.69 -26.21
CA ILE S 79 36.21 10.32 -27.65
C ILE S 79 37.55 10.84 -28.26
N TYR S 80 37.75 12.17 -28.33
CA TYR S 80 39.01 12.76 -28.80
C TYR S 80 40.27 12.17 -28.10
N ARG S 81 40.17 11.81 -26.82
CA ARG S 81 41.29 11.27 -26.09
C ARG S 81 41.63 9.87 -26.52
N ASN S 82 40.68 9.22 -27.18
CA ASN S 82 40.80 7.87 -27.66
C ASN S 82 40.91 7.72 -29.17
N LEU S 83 41.38 8.80 -29.77
CA LEU S 83 41.87 8.80 -31.13
C LEU S 83 43.31 9.29 -31.25
N VAL S 84 44.09 8.48 -31.97
CA VAL S 84 45.46 8.83 -32.34
C VAL S 84 45.27 9.60 -33.66
N VAL S 85 46.10 9.34 -34.68
CA VAL S 85 45.99 9.89 -36.06
C VAL S 85 44.68 10.59 -36.52
C ACE T 1 10.30 13.13 -23.90
O ACE T 1 10.54 12.25 -24.77
CH3 ACE T 1 9.54 12.75 -22.64
N THR T 2 11.48 13.68 -23.96
CA THR T 2 12.82 13.84 -24.61
C THR T 2 13.67 12.57 -24.45
N SER T 3 14.25 12.09 -25.55
CA SER T 3 14.87 10.79 -25.51
C SER T 3 16.36 10.82 -25.75
N PHE T 4 16.98 9.68 -25.48
CA PHE T 4 18.42 9.41 -25.66
C PHE T 4 18.90 9.89 -27.02
N ALA T 5 18.17 9.47 -28.07
CA ALA T 5 18.44 9.78 -29.53
C ALA T 5 18.62 11.26 -29.85
N GLU T 6 17.84 12.06 -29.13
N GLU T 6 17.81 12.03 -29.14
CA GLU T 6 17.81 13.51 -29.27
CA GLU T 6 17.75 13.46 -29.20
C GLU T 6 18.97 14.17 -28.54
C GLU T 6 18.98 14.10 -28.56
N TYR T 7 19.21 13.79 -27.28
CA TYR T 7 20.42 14.20 -26.55
C TYR T 7 21.64 13.72 -27.38
N TRP T 8 21.58 12.44 -27.78
CA TRP T 8 22.56 11.75 -28.67
C TRP T 8 22.47 12.28 -30.11
C 9E7 T 9 22.01 15.46 -31.70
S 9E7 T 9 21.03 19.19 -33.75
N 9E7 T 9 21.70 13.10 -30.80
CA 9E7 T 9 21.77 13.94 -32.00
CB 9E7 T 9 20.47 13.76 -32.82
CG 9E7 T 9 20.49 14.20 -34.31
CD 9E7 T 9 19.66 15.48 -34.57
CE 9E7 T 9 20.02 16.18 -35.88
NZ 9E7 T 9 20.28 17.62 -35.59
O 9E7 T 9 23.17 15.93 -31.92
C1 9E7 T 9 21.57 17.88 -34.91
N LEU T 10 22.02 16.10 -30.54
CA LEU T 10 22.48 17.48 -30.11
C LEU T 10 23.94 17.49 -29.64
N LEU T 11 24.27 16.43 -28.89
CA LEU T 11 25.62 15.92 -28.79
C LEU T 11 26.39 16.00 -30.13
N SER T 12 25.88 15.43 -31.22
CA SER T 12 26.49 15.47 -32.61
C SER T 12 26.53 16.76 -33.47
N CYS T 13 25.40 17.46 -33.66
CA CYS T 13 25.47 18.83 -34.25
C CYS T 13 25.49 19.91 -33.15
N NH2 T 14 24.46 20.50 -32.70
N GLU U 1 6.56 24.05 -34.58
CA GLU U 1 5.92 23.17 -35.60
C GLU U 1 4.44 22.85 -35.22
N THR U 2 3.84 21.88 -35.92
CA THR U 2 2.48 21.36 -35.69
C THR U 2 2.50 19.97 -35.00
N LEU U 3 1.33 19.34 -34.84
CA LEU U 3 1.23 18.20 -33.92
C LEU U 3 0.85 16.91 -34.65
N VAL U 4 1.29 15.78 -34.10
CA VAL U 4 0.85 14.45 -34.54
C VAL U 4 0.51 13.63 -33.25
N ARG U 5 -0.62 12.92 -33.27
CA ARG U 5 -1.12 12.14 -32.12
C ARG U 5 -0.91 10.70 -32.49
N PRO U 6 0.12 10.09 -31.87
CA PRO U 6 0.32 8.69 -32.15
C PRO U 6 -0.88 7.84 -31.74
N LYS U 7 -1.16 6.87 -32.61
CA LYS U 7 -2.12 5.77 -32.41
C LYS U 7 -1.68 4.82 -31.33
N PRO U 8 -2.65 4.15 -30.69
CA PRO U 8 -2.26 3.37 -29.54
C PRO U 8 -1.07 2.43 -29.74
N LEU U 9 -0.94 1.66 -30.84
CA LEU U 9 0.16 0.68 -30.90
C LEU U 9 1.48 1.36 -31.20
N LEU U 10 1.42 2.48 -31.92
CA LEU U 10 2.56 3.39 -31.94
C LEU U 10 2.88 3.98 -30.56
N LEU U 11 1.90 4.66 -29.94
CA LEU U 11 2.00 5.17 -28.57
C LEU U 11 2.69 4.08 -27.74
N LYS U 12 2.14 2.86 -27.72
CA LYS U 12 2.70 1.80 -26.88
C LYS U 12 4.17 1.48 -27.29
N LEU U 13 4.49 1.50 -28.58
CA LEU U 13 5.93 1.39 -29.02
C LEU U 13 6.80 2.47 -28.44
N LEU U 14 6.52 3.73 -28.76
CA LEU U 14 7.22 4.89 -28.20
C LEU U 14 7.27 4.82 -26.66
N LYS U 15 6.17 4.38 -26.04
CA LYS U 15 6.06 4.30 -24.56
C LYS U 15 6.89 3.19 -23.85
N SER U 16 7.41 2.25 -24.64
CA SER U 16 8.23 1.11 -24.23
C SER U 16 9.73 1.51 -24.27
N VAL U 17 10.08 2.55 -25.04
CA VAL U 17 11.40 3.09 -24.85
C VAL U 17 11.39 4.36 -24.05
N GLY U 18 10.33 4.63 -23.23
CA GLY U 18 10.32 5.81 -22.32
C GLY U 18 9.58 7.15 -22.56
N ALA U 19 8.65 7.19 -23.53
CA ALA U 19 7.90 8.42 -23.89
C ALA U 19 6.78 8.65 -22.84
N GLN U 20 6.37 9.87 -22.56
CA GLN U 20 5.49 10.08 -21.35
C GLN U 20 4.08 10.70 -21.67
N LYS U 21 3.70 10.71 -22.95
CA LYS U 21 2.84 11.77 -23.48
C LYS U 21 2.17 11.40 -24.82
N ASP U 22 1.14 12.16 -25.22
CA ASP U 22 0.22 11.77 -26.34
C ASP U 22 0.44 12.47 -27.68
N THR U 23 1.28 13.51 -27.71
CA THR U 23 1.49 14.29 -28.93
C THR U 23 2.91 14.79 -29.09
N TYR U 24 3.35 14.86 -30.35
CA TYR U 24 4.76 14.98 -30.67
C TYR U 24 5.01 15.82 -31.93
N THR U 25 6.22 16.33 -32.03
CA THR U 25 6.68 16.75 -33.30
C THR U 25 6.99 15.43 -34.02
N MET U 26 7.02 15.49 -35.34
CA MET U 26 7.42 14.37 -36.23
C MET U 26 8.76 13.83 -35.81
N LYS U 27 9.61 14.79 -35.41
CA LYS U 27 11.02 14.66 -35.17
C LYS U 27 11.06 13.80 -33.99
N GLU U 28 10.22 14.16 -33.03
CA GLU U 28 10.21 13.51 -31.74
C GLU U 28 9.87 12.02 -31.91
N VAL U 29 8.92 11.72 -32.79
CA VAL U 29 8.55 10.32 -33.16
C VAL U 29 9.72 9.60 -33.84
N LEU U 30 10.32 10.28 -34.77
CA LEU U 30 11.33 9.61 -35.56
C LEU U 30 12.50 9.21 -34.65
N PHE U 31 12.79 10.07 -33.69
CA PHE U 31 13.86 9.84 -32.77
C PHE U 31 13.57 8.65 -31.94
N TYR U 32 12.36 8.58 -31.40
CA TYR U 32 11.91 7.39 -30.63
C TYR U 32 11.83 6.13 -31.46
N LEU U 33 11.41 6.28 -32.70
CA LEU U 33 11.21 5.13 -33.49
C LEU U 33 12.60 4.49 -33.77
N GLY U 34 13.52 5.29 -34.30
CA GLY U 34 14.99 4.96 -34.22
C GLY U 34 15.51 4.27 -32.94
N GLN U 35 15.37 4.93 -31.81
CA GLN U 35 15.79 4.49 -30.48
C GLN U 35 15.22 3.15 -30.11
N TYR U 36 13.92 2.99 -30.32
CA TYR U 36 13.25 1.65 -30.34
C TYR U 36 13.96 0.49 -31.16
N ILE U 37 14.09 0.72 -32.47
CA ILE U 37 14.69 -0.22 -33.44
C ILE U 37 16.08 -0.54 -32.92
N MET U 38 16.85 0.45 -32.50
CA MET U 38 18.17 0.10 -31.90
C MET U 38 18.13 -0.58 -30.48
N THR U 39 17.12 -0.28 -29.68
CA THR U 39 17.11 -0.81 -28.33
C THR U 39 16.66 -2.23 -28.39
N LYS U 40 15.85 -2.49 -29.41
CA LYS U 40 15.32 -3.83 -29.63
C LYS U 40 16.21 -4.63 -30.56
N ARG U 41 17.43 -4.13 -30.83
CA ARG U 41 18.25 -4.47 -32.02
C ARG U 41 17.65 -5.30 -33.10
N LEU U 42 16.67 -4.67 -33.72
CA LEU U 42 16.06 -5.12 -35.02
C LEU U 42 16.85 -4.89 -36.33
N TYR U 43 17.71 -3.84 -36.43
CA TYR U 43 18.83 -3.78 -37.47
C TYR U 43 19.94 -4.94 -37.34
N ASP U 44 20.95 -5.06 -38.23
CA ASP U 44 21.87 -6.26 -38.28
C ASP U 44 23.34 -6.18 -37.75
N GLU U 45 24.34 -6.89 -38.31
CA GLU U 45 25.73 -6.92 -37.75
C GLU U 45 26.87 -7.07 -38.74
N LYS U 46 26.86 -8.10 -39.58
CA LYS U 46 27.97 -8.30 -40.51
C LYS U 46 27.56 -7.39 -41.67
N GLN U 47 26.34 -7.60 -42.17
CA GLN U 47 25.75 -6.72 -43.16
C GLN U 47 24.56 -6.04 -42.50
N GLN U 48 24.88 -4.98 -41.75
CA GLN U 48 23.88 -4.24 -41.03
C GLN U 48 23.27 -3.24 -42.02
N HIS U 49 22.04 -3.53 -42.45
CA HIS U 49 21.10 -2.44 -42.90
C HIS U 49 19.59 -2.73 -43.05
N ILE U 50 19.25 -4.00 -42.94
CA ILE U 50 17.88 -4.41 -42.87
C ILE U 50 17.35 -4.01 -41.50
N VAL U 51 16.04 -3.80 -41.42
CA VAL U 51 15.32 -3.97 -40.16
C VAL U 51 14.30 -5.11 -40.27
N TYR U 52 14.58 -6.20 -39.56
CA TYR U 52 13.71 -7.34 -39.47
C TYR U 52 12.88 -7.17 -38.18
N CYS U 53 11.53 -7.16 -38.38
CA CYS U 53 10.50 -6.83 -37.35
C CYS U 53 9.43 -7.88 -36.96
N SER U 54 9.46 -9.05 -37.63
CA SER U 54 8.49 -10.16 -37.37
C SER U 54 8.77 -10.51 -35.91
N ASN U 55 7.81 -11.14 -35.23
CA ASN U 55 7.85 -11.41 -33.80
C ASN U 55 8.20 -10.21 -32.91
N ASP U 56 8.20 -9.00 -33.47
CA ASP U 56 8.27 -7.82 -32.65
C ASP U 56 6.99 -7.08 -32.77
N LEU U 57 6.90 -6.03 -31.94
CA LEU U 57 5.83 -5.07 -32.06
C LEU U 57 5.78 -4.50 -33.44
N LEU U 58 6.95 -4.11 -33.96
CA LEU U 58 7.03 -3.17 -35.07
C LEU U 58 6.31 -3.73 -36.27
N GLY U 59 6.37 -5.06 -36.44
CA GLY U 59 5.69 -5.84 -37.48
C GLY U 59 4.18 -5.89 -37.39
N ASP U 60 3.61 -6.15 -36.20
CA ASP U 60 2.12 -6.14 -35.99
C ASP U 60 1.48 -4.75 -36.26
N LEU U 61 2.24 -3.67 -36.00
CA LEU U 61 1.85 -2.28 -36.29
C LEU U 61 2.19 -1.76 -37.68
N PHE U 62 3.22 -2.31 -38.33
CA PHE U 62 3.73 -1.89 -39.64
C PHE U 62 3.27 -2.90 -40.70
N GLY U 63 3.06 -4.16 -40.34
CA GLY U 63 2.45 -5.16 -41.26
C GLY U 63 3.33 -5.56 -42.44
N VAL U 64 4.63 -5.62 -42.16
CA VAL U 64 5.65 -6.15 -43.05
C VAL U 64 6.57 -6.94 -42.08
N PRO U 65 7.22 -8.07 -42.51
CA PRO U 65 8.32 -8.76 -41.72
C PRO U 65 9.72 -8.02 -41.70
N SER U 66 10.05 -7.36 -42.80
CA SER U 66 11.32 -6.67 -42.97
C SER U 66 11.09 -5.34 -43.73
N PHE U 67 11.98 -4.36 -43.46
CA PHE U 67 12.18 -3.17 -44.31
C PHE U 67 13.66 -2.68 -44.32
N SER U 68 14.03 -2.10 -45.47
CA SER U 68 15.31 -1.44 -45.63
C SER U 68 15.10 0.02 -45.31
N VAL U 69 16.14 0.59 -44.75
CA VAL U 69 16.03 1.95 -44.24
C VAL U 69 16.16 2.93 -45.36
N LYS U 70 16.91 2.54 -46.41
CA LYS U 70 17.26 3.34 -47.63
C LYS U 70 16.12 3.40 -48.59
N GLU U 71 15.77 2.33 -49.29
CA GLU U 71 14.54 2.39 -50.09
C GLU U 71 13.38 3.14 -49.40
N HIS U 72 13.48 3.31 -48.09
CA HIS U 72 12.60 4.21 -47.36
C HIS U 72 11.14 3.77 -47.54
N ARG U 73 10.48 4.40 -48.53
CA ARG U 73 9.05 4.24 -48.84
C ARG U 73 8.17 3.60 -47.80
N LYS U 74 8.31 2.29 -47.57
CA LYS U 74 7.88 1.60 -46.32
C LYS U 74 7.64 2.50 -45.04
N ILE U 75 8.65 3.25 -44.63
CA ILE U 75 8.83 3.66 -43.25
C ILE U 75 7.99 4.85 -42.86
N TYR U 76 7.92 5.91 -43.66
CA TYR U 76 7.23 7.18 -43.28
C TYR U 76 5.70 7.11 -43.69
N THR U 77 5.45 6.32 -44.74
CA THR U 77 4.11 5.70 -44.98
C THR U 77 3.67 4.98 -43.67
N MET U 78 4.36 3.90 -43.32
CA MET U 78 3.87 3.06 -42.22
C MET U 78 3.82 3.78 -40.87
N ILE U 79 4.48 4.96 -40.77
CA ILE U 79 4.47 5.88 -39.60
C ILE U 79 3.17 6.68 -39.51
N TYR U 80 2.92 7.48 -40.55
CA TYR U 80 1.89 8.56 -40.62
C TYR U 80 0.39 8.07 -40.63
N ARG U 81 0.15 6.83 -41.09
CA ARG U 81 -1.14 6.18 -40.86
C ARG U 81 -1.21 5.43 -39.52
N ASN U 82 -0.18 5.58 -38.70
CA ASN U 82 -0.28 5.24 -37.31
C ASN U 82 -0.20 6.49 -36.49
N LEU U 83 -0.66 7.60 -37.10
CA LEU U 83 -0.89 8.86 -36.42
C LEU U 83 -2.28 9.38 -36.68
N VAL U 84 -2.95 9.84 -35.61
CA VAL U 84 -4.31 10.39 -35.65
C VAL U 84 -4.19 11.77 -36.29
C ACE V 1 29.46 -0.20 -41.70
O ACE V 1 30.25 0.48 -40.99
CH3 ACE V 1 30.09 -1.15 -42.72
N THR V 2 28.75 0.79 -42.21
CA THR V 2 27.81 1.95 -42.40
C THR V 2 26.73 1.72 -41.38
N SER V 3 26.46 2.73 -40.55
CA SER V 3 25.61 2.53 -39.40
C SER V 3 24.14 2.79 -39.71
N PHE V 4 23.32 1.91 -39.19
CA PHE V 4 21.90 2.17 -39.16
C PHE V 4 21.72 3.57 -38.58
N ALA V 5 22.46 3.97 -37.55
CA ALA V 5 22.18 5.27 -36.99
C ALA V 5 22.31 6.41 -38.03
N GLU V 6 23.44 6.38 -38.80
CA GLU V 6 23.65 7.15 -40.07
C GLU V 6 22.35 7.02 -40.80
N TYR V 7 22.01 5.77 -41.15
CA TYR V 7 20.91 5.55 -42.06
C TYR V 7 19.69 6.33 -41.62
N TRP V 8 19.31 6.12 -40.36
CA TRP V 8 18.17 6.78 -39.69
C TRP V 8 18.17 8.33 -39.64
C 9E7 V 9 19.17 11.06 -40.93
S 9E7 V 9 20.48 14.78 -43.71
N 9E7 V 9 19.29 8.88 -39.41
CA 9E7 V 9 19.46 10.31 -39.55
CB 9E7 V 9 20.92 10.58 -39.13
CG 9E7 V 9 21.18 12.07 -38.86
CD 9E7 V 9 21.94 12.82 -39.96
CE 9E7 V 9 21.60 14.31 -39.99
NZ 9E7 V 9 21.41 14.76 -41.41
O 9E7 V 9 18.11 11.75 -41.06
C1 9E7 V 9 20.01 14.95 -41.94
N LEU V 10 19.51 10.21 -41.92
CA LEU V 10 19.30 10.61 -43.38
C LEU V 10 17.83 10.63 -43.68
N LEU V 11 17.15 9.53 -43.34
CA LEU V 11 15.69 9.44 -43.38
C LEU V 11 14.99 10.53 -42.56
N SER V 12 15.28 10.63 -41.26
CA SER V 12 14.82 11.72 -40.37
C SER V 12 15.51 13.13 -40.58
N CYS V 13 16.23 13.68 -39.59
CA CYS V 13 16.64 15.14 -39.46
C CYS V 13 15.57 16.24 -39.75
N NH2 V 14 15.47 17.05 -40.74
N GLU W 1 11.63 -7.17 20.41
CA GLU W 1 10.68 -6.02 20.67
C GLU W 1 9.18 -6.37 20.69
N THR W 2 8.69 -7.02 19.62
CA THR W 2 7.27 -7.28 19.37
C THR W 2 6.51 -7.26 20.65
N LEU W 3 5.78 -6.16 20.94
CA LEU W 3 4.78 -6.16 22.04
C LEU W 3 3.43 -6.66 21.56
N VAL W 4 2.85 -7.58 22.30
CA VAL W 4 1.54 -8.18 22.01
C VAL W 4 0.50 -7.73 23.05
N ARG W 5 -0.79 -7.82 22.76
CA ARG W 5 -1.79 -7.41 23.73
C ARG W 5 -2.79 -8.54 24.01
N PRO W 6 -2.78 -9.08 25.22
CA PRO W 6 -3.73 -10.11 25.59
C PRO W 6 -5.19 -9.67 25.53
N LYS W 7 -6.04 -10.60 25.13
CA LYS W 7 -7.54 -10.40 25.29
C LYS W 7 -7.87 -10.48 26.81
N PRO W 8 -9.11 -10.10 27.22
CA PRO W 8 -9.39 -10.05 28.65
C PRO W 8 -9.19 -11.31 29.49
N LEU W 9 -9.56 -12.50 29.01
CA LEU W 9 -9.40 -13.71 29.80
C LEU W 9 -7.88 -13.95 30.01
N LEU W 10 -7.09 -13.79 28.94
CA LEU W 10 -5.71 -14.07 29.09
C LEU W 10 -5.12 -13.06 30.06
N LEU W 11 -5.45 -11.78 29.92
CA LEU W 11 -4.96 -10.80 30.88
C LEU W 11 -5.49 -11.05 32.33
N LYS W 12 -6.65 -11.64 32.53
CA LYS W 12 -7.08 -11.88 33.91
C LYS W 12 -6.22 -12.99 34.53
N LEU W 13 -5.85 -13.98 33.74
CA LEU W 13 -4.91 -15.09 34.15
C LEU W 13 -3.52 -14.53 34.50
N LEU W 14 -2.91 -13.81 33.57
CA LEU W 14 -1.65 -13.10 33.86
C LEU W 14 -1.73 -12.16 35.10
N LYS W 15 -2.71 -11.24 35.20
CA LYS W 15 -2.86 -10.41 36.41
C LYS W 15 -3.14 -11.18 37.69
N SER W 16 -3.74 -12.36 37.63
CA SER W 16 -3.95 -13.17 38.89
C SER W 16 -2.61 -13.52 39.60
N VAL W 17 -1.53 -13.65 38.82
CA VAL W 17 -0.18 -13.83 39.40
C VAL W 17 0.81 -12.64 39.33
N GLY W 18 0.26 -11.44 39.27
CA GLY W 18 1.01 -10.25 39.49
C GLY W 18 1.29 -9.45 38.22
N ALA W 19 0.86 -9.88 37.04
CA ALA W 19 1.10 -9.00 35.85
C ALA W 19 0.32 -7.67 36.01
N GLN W 20 0.90 -6.55 35.58
CA GLN W 20 0.33 -5.19 35.91
C GLN W 20 0.20 -4.21 34.70
N LYS W 21 0.50 -4.74 33.53
CA LYS W 21 0.59 -4.01 32.29
C LYS W 21 -0.51 -4.55 31.42
N ASP W 22 -0.74 -3.91 30.28
CA ASP W 22 -1.76 -4.40 29.33
C ASP W 22 -1.07 -4.97 28.10
N THR W 23 0.26 -4.80 28.03
CA THR W 23 1.07 -4.96 26.81
C THR W 23 2.32 -5.81 27.17
N TYR W 24 2.63 -6.86 26.44
CA TYR W 24 3.75 -7.69 26.88
C TYR W 24 4.50 -8.09 25.63
N THR W 25 5.72 -8.59 25.81
CA THR W 25 6.46 -9.28 24.79
C THR W 25 5.97 -10.73 24.91
N MET W 26 6.34 -11.61 23.96
CA MET W 26 5.98 -13.03 24.07
C MET W 26 6.71 -13.76 25.16
N LYS W 27 7.94 -13.38 25.35
CA LYS W 27 8.75 -13.92 26.42
C LYS W 27 8.06 -13.65 27.75
N GLU W 28 7.51 -12.44 27.94
CA GLU W 28 6.87 -12.07 29.20
C GLU W 28 5.57 -12.85 29.47
N VAL W 29 4.80 -13.03 28.43
CA VAL W 29 3.55 -13.76 28.53
C VAL W 29 3.83 -15.23 28.98
N LEU W 30 4.91 -15.81 28.47
CA LEU W 30 5.24 -17.18 28.74
C LEU W 30 5.80 -17.37 30.16
N PHE W 31 6.57 -16.35 30.61
CA PHE W 31 7.07 -16.25 31.97
C PHE W 31 5.95 -16.23 32.97
N TYR W 32 5.00 -15.31 32.76
CA TYR W 32 3.80 -15.27 33.60
C TYR W 32 2.84 -16.46 33.55
N LEU W 33 2.64 -17.04 32.36
CA LEU W 33 1.81 -18.19 32.15
C LEU W 33 2.39 -19.44 32.85
N GLY W 34 3.70 -19.64 32.68
CA GLY W 34 4.32 -20.78 33.37
C GLY W 34 4.20 -20.59 34.89
N GLN W 35 4.45 -19.37 35.35
CA GLN W 35 4.30 -19.01 36.79
C GLN W 35 2.87 -19.32 37.30
N TYR W 36 1.85 -19.06 36.48
CA TYR W 36 0.44 -19.33 36.83
C TYR W 36 0.22 -20.82 37.08
N ILE W 37 0.77 -21.63 36.20
CA ILE W 37 0.53 -23.04 36.21
C ILE W 37 1.19 -23.58 37.48
N MET W 38 2.41 -23.11 37.81
CA MET W 38 3.07 -23.57 39.04
C MET W 38 2.43 -23.04 40.35
N THR W 39 2.09 -21.77 40.38
CA THR W 39 1.38 -21.16 41.52
C THR W 39 0.01 -21.85 41.79
N LYS W 40 -0.66 -22.30 40.74
CA LYS W 40 -1.96 -22.90 40.91
C LYS W 40 -1.85 -24.43 41.09
N ARG W 41 -0.62 -24.96 41.06
CA ARG W 41 -0.30 -26.37 41.30
C ARG W 41 -1.14 -27.13 40.29
N LEU W 42 -1.04 -26.73 39.00
CA LEU W 42 -1.83 -27.34 37.91
C LEU W 42 -1.08 -28.54 37.20
N TYR W 43 0.21 -28.64 37.48
CA TYR W 43 1.07 -29.63 36.89
C TYR W 43 1.05 -30.91 37.70
N ASP W 44 0.96 -32.02 37.00
CA ASP W 44 1.08 -33.31 37.65
C ASP W 44 2.44 -33.50 38.29
N GLU W 45 2.44 -34.08 39.49
CA GLU W 45 3.65 -34.10 40.30
C GLU W 45 4.54 -35.28 39.92
N LYS W 46 3.98 -36.31 39.31
CA LYS W 46 4.76 -37.48 38.83
C LYS W 46 5.15 -37.33 37.34
N GLN W 47 4.17 -37.05 36.48
CA GLN W 47 4.43 -36.72 35.07
C GLN W 47 4.25 -35.18 34.93
N GLN W 48 5.35 -34.43 35.04
CA GLN W 48 5.24 -32.95 35.25
C GLN W 48 5.05 -32.15 34.00
N HIS W 49 5.03 -32.83 32.84
CA HIS W 49 4.67 -32.18 31.58
C HIS W 49 3.17 -32.14 31.39
N ILE W 50 2.44 -32.89 32.22
CA ILE W 50 1.00 -32.91 32.13
C ILE W 50 0.40 -31.76 32.97
N VAL W 51 -0.50 -30.95 32.40
CA VAL W 51 -1.20 -29.87 33.11
C VAL W 51 -2.71 -30.11 33.03
N TYR W 52 -3.43 -29.80 34.11
CA TYR W 52 -4.82 -30.15 34.29
C TYR W 52 -5.49 -28.83 34.46
N CYS W 53 -6.42 -28.53 33.60
CA CYS W 53 -7.16 -27.29 33.77
C CYS W 53 -8.66 -27.39 33.80
N SER W 54 -9.21 -28.58 34.01
CA SER W 54 -10.66 -28.75 34.25
C SER W 54 -11.06 -28.04 35.57
N ASN W 55 -12.10 -27.19 35.48
CA ASN W 55 -12.60 -26.41 36.64
C ASN W 55 -11.48 -25.52 37.22
N ASP W 56 -10.58 -25.03 36.33
CA ASP W 56 -9.77 -23.80 36.50
C ASP W 56 -9.98 -22.84 35.30
N LEU W 57 -9.84 -21.56 35.59
CA LEU W 57 -9.70 -20.43 34.65
C LEU W 57 -8.96 -20.68 33.32
N LEU W 58 -7.77 -21.29 33.42
CA LEU W 58 -7.01 -21.86 32.28
C LEU W 58 -7.77 -22.79 31.28
N GLY W 59 -8.63 -23.68 31.77
CA GLY W 59 -9.43 -24.55 30.88
C GLY W 59 -10.52 -23.85 30.07
N ASP W 60 -10.81 -22.61 30.40
CA ASP W 60 -11.66 -21.84 29.50
C ASP W 60 -10.87 -21.25 28.32
N LEU W 61 -9.63 -20.80 28.57
CA LEU W 61 -8.61 -20.45 27.53
C LEU W 61 -8.33 -21.61 26.52
N PHE W 62 -8.03 -22.78 27.08
CA PHE W 62 -7.72 -24.00 26.32
C PHE W 62 -8.85 -24.87 25.75
N GLY W 63 -9.83 -25.26 26.56
CA GLY W 63 -10.96 -26.03 26.08
C GLY W 63 -10.78 -27.52 26.31
N VAL W 64 -9.65 -27.92 26.87
CA VAL W 64 -9.41 -29.32 27.13
C VAL W 64 -9.42 -29.46 28.66
N PRO W 65 -9.68 -30.68 29.15
CA PRO W 65 -9.43 -30.89 30.56
C PRO W 65 -7.91 -30.99 30.88
N SER W 66 -7.09 -31.26 29.88
CA SER W 66 -5.64 -31.30 30.08
C SER W 66 -4.93 -31.19 28.77
N PHE W 67 -3.64 -30.96 28.87
CA PHE W 67 -2.71 -30.79 27.72
C PHE W 67 -1.28 -31.14 28.20
N SER W 68 -0.33 -31.33 27.26
CA SER W 68 1.08 -31.53 27.62
C SER W 68 1.95 -30.42 27.08
N VAL W 69 2.89 -30.00 27.90
CA VAL W 69 3.79 -28.96 27.53
C VAL W 69 4.85 -29.41 26.53
N LYS W 70 4.96 -30.73 26.33
CA LYS W 70 5.72 -31.34 25.24
C LYS W 70 5.07 -31.02 23.90
N GLU W 71 3.76 -30.73 23.87
CA GLU W 71 3.11 -30.36 22.60
C GLU W 71 3.18 -28.87 22.33
N HIS W 72 4.30 -28.39 21.79
CA HIS W 72 4.54 -26.92 21.75
C HIS W 72 3.53 -26.22 20.90
N ARG W 73 3.20 -26.76 19.74
CA ARG W 73 2.29 -26.05 18.83
C ARG W 73 0.96 -25.76 19.47
N LYS W 74 0.44 -26.75 20.15
CA LYS W 74 -0.82 -26.72 20.82
C LYS W 74 -0.96 -25.56 21.81
N ILE W 75 0.05 -25.35 22.65
CA ILE W 75 0.10 -24.30 23.66
C ILE W 75 0.33 -22.84 23.10
N TYR W 76 1.27 -22.73 22.17
CA TYR W 76 1.39 -21.52 21.41
C TYR W 76 0.06 -21.23 20.69
N THR W 77 -0.65 -22.25 20.16
CA THR W 77 -1.92 -22.03 19.44
C THR W 77 -2.99 -21.42 20.34
N MET W 78 -3.21 -22.01 21.52
CA MET W 78 -4.03 -21.34 22.53
C MET W 78 -3.62 -19.98 23.11
N ILE W 79 -2.36 -19.59 22.99
CA ILE W 79 -1.90 -18.20 23.19
C ILE W 79 -2.16 -17.20 22.04
N TYR W 80 -1.76 -17.53 20.82
CA TYR W 80 -2.02 -16.64 19.71
C TYR W 80 -3.52 -16.38 19.64
N ARG W 81 -4.32 -17.42 19.89
CA ARG W 81 -5.76 -17.25 19.88
C ARG W 81 -6.33 -16.25 20.91
N ASN W 82 -5.62 -16.04 22.03
CA ASN W 82 -6.10 -15.16 23.11
C ASN W 82 -5.34 -13.80 23.14
N LEU W 83 -4.79 -13.42 21.97
CA LEU W 83 -4.15 -12.12 21.69
C LEU W 83 -4.89 -11.37 20.64
N VAL W 84 -4.90 -10.04 20.77
CA VAL W 84 -5.36 -9.20 19.67
C VAL W 84 -4.23 -9.35 18.63
C ACE X 1 12.68 -35.80 36.08
O ACE X 1 12.59 -35.03 37.06
CH3 ACE X 1 11.88 -37.10 36.17
N THR X 2 12.31 -34.97 35.12
CA THR X 2 12.30 -33.61 34.48
C THR X 2 11.17 -32.79 35.09
N SER X 3 11.51 -31.56 35.48
CA SER X 3 10.59 -30.68 36.14
C SER X 3 9.66 -30.00 35.16
N PHE X 4 8.49 -29.66 35.63
CA PHE X 4 7.67 -28.75 34.86
C PHE X 4 8.46 -27.52 34.39
N ALA X 5 9.21 -26.90 35.31
CA ALA X 5 9.91 -25.64 35.00
C ALA X 5 10.90 -25.88 33.86
N GLU X 6 11.59 -27.02 33.87
CA GLU X 6 12.45 -27.42 32.73
C GLU X 6 11.71 -27.57 31.39
N TYR X 7 10.54 -28.23 31.44
CA TYR X 7 9.73 -28.52 30.26
C TYR X 7 9.24 -27.19 29.77
N TRP X 8 8.78 -26.34 30.69
CA TRP X 8 8.32 -25.02 30.33
C TRP X 8 9.39 -24.14 29.68
C 9E7 X 9 12.08 -24.03 28.21
S 9E7 X 9 15.53 -24.12 25.63
N 9E7 X 9 10.57 -24.13 30.19
CA 9E7 X 9 11.72 -23.47 29.62
CB 9E7 X 9 12.85 -23.56 30.64
CG 9E7 X 9 14.11 -22.81 30.18
CD 9E7 X 9 15.14 -23.61 29.38
CE 9E7 X 9 16.17 -22.64 28.83
NZ 9E7 X 9 16.44 -22.72 27.35
O 9E7 X 9 12.05 -23.19 27.29
C1 9E7 X 9 15.44 -22.42 26.27
N LEU X 10 11.87 -25.33 27.94
CA LEU X 10 12.18 -25.87 26.53
C LEU X 10 11.08 -25.38 25.59
N LEU X 11 9.84 -25.55 26.02
CA LEU X 11 8.69 -24.85 25.44
C LEU X 11 8.87 -23.35 25.08
N SER X 12 9.35 -22.53 26.03
CA SER X 12 9.49 -21.09 25.80
C SER X 12 10.56 -20.66 24.81
N CYS X 13 11.61 -21.47 24.62
CA CYS X 13 12.44 -21.27 23.43
C CYS X 13 12.39 -22.54 22.60
N NH2 X 14 13.33 -23.37 22.92
CL CL Y . -14.11 -10.39 34.51
CL CL Z . 14.02 -19.16 28.46
#